data_2V22
#
_entry.id   2V22
#
_cell.length_a   74.693
_cell.length_b   113.571
_cell.length_c   156.025
_cell.angle_alpha   90.00
_cell.angle_beta   90.00
_cell.angle_gamma   90.00
#
_symmetry.space_group_name_H-M   'P 21 21 21'
#
loop_
_entity.id
_entity.type
_entity.pdbx_description
1 polymer 'CELL DIVISION PROTEIN KINASE 2'
2 polymer CYCLIN-A2
3 non-polymer N~2~-{[1-(4-CHLOROPHENYL)-5-METHYL-1H-1,2,4-TRIAZOL-3-YL]CARBONYL}-N~5~-(DIAMINOMETHYLIDENE)-L-ORNITHYL-L-LEUCYL-L-ISOLEUCYL-4-FLUORO-L-PHENYLALANINAMIDE
4 water water
#
loop_
_entity_poly.entity_id
_entity_poly.type
_entity_poly.pdbx_seq_one_letter_code
_entity_poly.pdbx_strand_id
1 'polypeptide(L)'
;MENFQKVEKIGEGTYGVVYKARNKLTGEVVALKKIRLDTETEGVPSTAIREISLLKELNHPNIVKLLDVIHTENKLYLVF
EFLHQDLKKFMDASALTGIPLPLIKSYLFQLLQGLAFCHSHRVLHRDLKPQNLLINTEGAIKLADFGLARAFGVPVRTYT
HEVVTLWYRAPEILLGCKYYSTAVDIWSLGCIFAEMVTRRALFPGDSEIDQLFRIFRTLGTPDEVVWPGVTSMPDYKPSF
PKWARQDFSKVVPPLDEDGRSLLSQMLHYDPNKRISAKAALAHPFFQDVTKPVPHLRL
;
A,C
2 'polypeptide(L)'
;EVPDYHEDIHTYLREMEVKCKPKVGYMKKQPDITNSMRAILVDWLVEVGEEYKLQNETLHLAVNYIDRFLSSMSVLRGKL
QLVGTAAMLLASKFEEIYPPEVAEFVYITDDTYTKKQVLRMEHLVLKVLTFDLAAPTVNQFLTQYFLHQQPANCKVESLA
MFLGELSLIDADPYLKYLPSVIAGAAFHLALYTVTGQSWPESLIRKTGYTLESLKPCLMDLHQTYLKAPQHAQQSIREKY
KNSKYHGVSLLNPPETLNL
;
B,D
#
loop_
_chem_comp.id
_chem_comp.type
_chem_comp.name
_chem_comp.formula
C35 non-polymer N~2~-{[1-(4-CHLOROPHENYL)-5-METHYL-1H-1,2,4-TRIAZOL-3-YL]CARBONYL}-N~5~-(DIAMINOMETHYLIDENE)-L-ORNITHYL-L-LEUCYL-L-ISOLEUCYL-4-FLUORO-L-PHENYLALANINAMIDE 'C37 H51 Cl F N11 O5'
#
# COMPACT_ATOMS: atom_id res chain seq x y z
N MET A 1 9.95 15.37 -9.04
CA MET A 1 11.08 16.37 -9.01
C MET A 1 10.80 17.72 -9.66
N GLU A 2 10.01 17.69 -10.71
CA GLU A 2 9.54 18.90 -11.37
C GLU A 2 8.87 19.83 -10.37
N ASN A 3 8.26 19.26 -9.34
CA ASN A 3 7.50 20.11 -8.43
C ASN A 3 8.33 20.84 -7.39
N PHE A 4 9.63 20.56 -7.35
CA PHE A 4 10.45 21.09 -6.27
C PHE A 4 11.33 22.23 -6.77
N GLN A 5 11.37 23.31 -6.01
CA GLN A 5 12.27 24.42 -6.25
C GLN A 5 13.32 24.45 -5.13
N LYS A 6 14.56 24.12 -5.51
CA LYS A 6 15.74 24.25 -4.64
C LYS A 6 15.91 25.68 -4.13
N VAL A 7 15.91 25.87 -2.80
CA VAL A 7 16.00 27.23 -2.26
C VAL A 7 17.42 27.59 -1.83
N GLU A 8 18.02 26.76 -0.98
CA GLU A 8 19.45 26.88 -0.75
C GLU A 8 20.02 25.57 -0.25
N LYS A 9 21.34 25.43 -0.29
CA LYS A 9 21.99 24.24 0.22
C LYS A 9 22.17 24.32 1.76
N ILE A 10 21.88 23.24 2.47
CA ILE A 10 22.12 23.20 3.92
C ILE A 10 23.10 22.08 4.29
N GLY A 11 23.68 21.43 3.29
CA GLY A 11 24.93 20.70 3.50
C GLY A 11 24.77 19.20 3.44
N GLU A 12 25.41 18.51 4.37
CA GLU A 12 25.46 17.05 4.33
C GLU A 12 25.39 16.47 5.74
N GLY A 13 24.95 15.21 5.83
CA GLY A 13 25.27 14.31 6.94
C GLY A 13 25.19 12.84 6.58
N THR A 14 26.33 12.16 6.63
CA THR A 14 26.60 10.95 5.85
C THR A 14 25.96 10.92 4.45
N TYR A 15 26.80 11.00 3.41
CA TYR A 15 26.39 10.87 1.98
C TYR A 15 25.41 11.90 1.38
N GLY A 16 25.77 12.52 0.25
CA GLY A 16 24.82 13.31 -0.53
C GLY A 16 24.35 14.62 0.09
N VAL A 17 24.32 15.67 -0.71
CA VAL A 17 24.00 17.02 -0.22
C VAL A 17 22.52 17.18 0.17
N VAL A 18 22.25 18.03 1.17
CA VAL A 18 20.89 18.36 1.65
C VAL A 18 20.40 19.77 1.27
N TYR A 19 19.30 19.87 0.52
CA TYR A 19 18.77 21.19 0.20
C TYR A 19 17.45 21.53 0.87
N LYS A 20 17.29 22.79 1.26
CA LYS A 20 15.95 23.30 1.55
C LYS A 20 15.25 23.54 0.21
N ALA A 21 14.00 23.09 0.11
CA ALA A 21 13.28 23.19 -1.15
C ALA A 21 11.81 23.37 -0.86
N ARG A 22 11.13 24.05 -1.78
CA ARG A 22 9.69 24.15 -1.64
C ARG A 22 8.94 23.44 -2.73
N ASN A 23 7.91 22.71 -2.33
CA ASN A 23 6.92 22.17 -3.23
C ASN A 23 6.16 23.31 -3.91
N LYS A 24 6.34 23.46 -5.21
CA LYS A 24 5.77 24.61 -5.92
C LYS A 24 4.26 24.53 -5.98
N LEU A 25 3.71 23.33 -5.87
CA LEU A 25 2.25 23.14 -5.89
C LEU A 25 1.46 23.27 -4.57
N THR A 26 1.99 22.69 -3.50
CA THR A 26 1.34 22.71 -2.20
C THR A 26 1.92 23.82 -1.35
N GLY A 27 3.12 24.29 -1.71
CA GLY A 27 3.86 25.28 -0.94
C GLY A 27 4.62 24.82 0.29
N GLU A 28 4.60 23.54 0.58
CA GLU A 28 5.35 22.99 1.70
C GLU A 28 6.86 23.14 1.52
N VAL A 29 7.59 23.56 2.57
CA VAL A 29 9.04 23.56 2.56
C VAL A 29 9.59 22.23 3.12
N VAL A 30 10.50 21.61 2.37
CA VAL A 30 10.97 20.26 2.68
C VAL A 30 12.49 20.28 2.66
N ALA A 31 13.14 19.18 3.03
CA ALA A 31 14.60 19.11 2.99
C ALA A 31 14.87 17.97 2.04
N LEU A 32 15.62 18.21 0.98
CA LEU A 32 15.83 17.17 -0.01
C LEU A 32 17.23 16.61 0.21
N LYS A 33 17.33 15.32 0.50
CA LYS A 33 18.63 14.69 0.63
C LYS A 33 18.84 13.95 -0.67
N LYS A 34 19.83 14.37 -1.42
CA LYS A 34 19.94 13.92 -2.78
C LYS A 34 21.17 13.00 -2.88
N ILE A 35 20.98 11.81 -3.43
CA ILE A 35 22.06 10.84 -3.56
C ILE A 35 22.38 10.47 -5.00
N ARG A 36 23.65 10.63 -5.35
CA ARG A 36 24.18 10.26 -6.66
C ARG A 36 24.27 8.75 -6.70
N LEU A 37 23.60 8.14 -7.66
CA LEU A 37 23.82 6.73 -7.97
C LEU A 37 25.05 6.50 -8.87
N ASP A 38 26.16 6.10 -8.27
CA ASP A 38 27.19 5.37 -9.01
C ASP A 38 26.59 4.08 -9.55
N THR A 39 26.06 4.12 -10.78
CA THR A 39 25.24 3.03 -11.31
C THR A 39 26.14 2.03 -12.04
N GLU A 40 27.40 1.95 -11.62
CA GLU A 40 28.43 1.20 -12.31
C GLU A 40 29.53 0.72 -11.35
N THR A 41 29.30 0.88 -10.06
CA THR A 41 30.26 0.41 -9.07
C THR A 41 29.62 0.00 -7.75
N GLU A 42 28.56 0.66 -7.30
CA GLU A 42 28.10 0.31 -5.98
C GLU A 42 26.62 0.11 -5.82
N GLY A 43 25.85 0.87 -6.58
CA GLY A 43 24.41 0.79 -6.45
C GLY A 43 23.86 1.78 -5.45
N VAL A 44 22.65 1.52 -4.95
CA VAL A 44 22.17 2.23 -3.76
C VAL A 44 23.02 1.99 -2.51
N PRO A 45 23.56 3.06 -1.91
CA PRO A 45 24.46 2.89 -0.78
C PRO A 45 23.68 2.32 0.41
N SER A 46 24.38 1.64 1.30
CA SER A 46 23.71 1.00 2.46
C SER A 46 23.18 1.94 3.55
N THR A 47 23.81 3.11 3.66
CA THR A 47 23.23 4.19 4.46
C THR A 47 21.81 4.48 3.98
N ALA A 48 21.59 4.52 2.67
CA ALA A 48 20.25 4.86 2.18
C ALA A 48 19.21 3.76 2.36
N ILE A 49 19.55 2.56 1.94
CA ILE A 49 18.83 1.33 2.27
C ILE A 49 18.38 1.28 3.72
N ARG A 50 19.28 1.60 4.64
CA ARG A 50 18.87 1.52 6.03
C ARG A 50 17.98 2.65 6.44
N GLU A 51 18.43 3.88 6.20
CA GLU A 51 17.67 5.06 6.64
C GLU A 51 16.29 5.01 6.03
N ILE A 52 16.18 4.61 4.76
CA ILE A 52 14.85 4.59 4.14
C ILE A 52 13.92 3.49 4.66
N SER A 53 14.41 2.25 4.66
CA SER A 53 13.63 1.13 5.20
C SER A 53 13.29 1.36 6.66
N LEU A 54 14.27 1.69 7.49
CA LEU A 54 13.96 1.93 8.90
C LEU A 54 13.06 3.14 9.14
N LEU A 55 13.37 4.25 8.50
CA LEU A 55 12.66 5.48 8.83
C LEU A 55 11.22 5.47 8.34
N LYS A 56 10.98 4.70 7.28
CA LYS A 56 9.63 4.42 6.79
C LYS A 56 8.72 3.72 7.81
N GLU A 57 9.27 2.91 8.73
CA GLU A 57 8.48 2.28 9.80
C GLU A 57 8.21 3.22 10.99
N LEU A 58 9.14 4.13 11.26
CA LEU A 58 9.05 4.99 12.44
C LEU A 58 8.27 6.28 12.19
N ASN A 59 7.06 6.40 12.74
CA ASN A 59 6.30 7.63 12.64
C ASN A 59 6.04 8.18 14.01
N HIS A 60 6.80 9.20 14.43
CA HIS A 60 6.64 9.71 15.79
C HIS A 60 7.05 11.16 15.84
N PRO A 61 6.40 11.98 16.70
CA PRO A 61 6.59 13.42 16.58
C PRO A 61 8.02 13.89 16.84
N ASN A 62 8.81 13.03 17.49
CA ASN A 62 10.23 13.28 17.75
C ASN A 62 11.26 12.53 16.92
N ILE A 63 10.79 12.01 15.80
CA ILE A 63 11.66 11.38 14.80
C ILE A 63 11.41 11.94 13.41
N VAL A 64 12.48 12.34 12.73
CA VAL A 64 12.29 13.17 11.57
C VAL A 64 11.45 12.42 10.53
N LYS A 65 10.53 13.10 9.87
CA LYS A 65 9.49 12.39 9.12
C LYS A 65 10.02 12.28 7.71
N LEU A 66 10.03 11.07 7.16
CA LEU A 66 10.44 10.85 5.76
C LEU A 66 9.21 10.97 4.89
N LEU A 67 9.12 12.04 4.09
CA LEU A 67 7.86 12.35 3.42
C LEU A 67 7.63 11.52 2.17
N ASP A 68 8.69 11.22 1.43
CA ASP A 68 8.55 10.63 0.09
C ASP A 68 9.94 10.28 -0.40
N VAL A 69 10.05 9.24 -1.22
CA VAL A 69 11.30 8.90 -1.90
C VAL A 69 11.10 8.91 -3.40
N ILE A 70 11.87 9.73 -4.10
CA ILE A 70 11.66 9.95 -5.52
C ILE A 70 12.82 9.27 -6.24
N HIS A 71 12.45 8.34 -7.11
CA HIS A 71 13.30 7.16 -7.36
C HIS A 71 13.66 7.05 -8.86
N THR A 72 14.50 7.96 -9.35
CA THR A 72 14.87 7.95 -10.77
C THR A 72 16.13 7.14 -11.09
N GLU A 73 16.38 6.96 -12.39
CA GLU A 73 17.47 6.10 -12.89
C GLU A 73 18.85 6.46 -12.29
N ASN A 74 19.13 7.76 -12.24
CA ASN A 74 20.48 8.27 -11.98
C ASN A 74 20.52 8.94 -10.61
N LYS A 75 19.36 9.30 -10.08
CA LYS A 75 19.32 9.93 -8.76
C LYS A 75 18.25 9.33 -7.82
N LEU A 76 18.56 9.26 -6.54
CA LEU A 76 17.56 8.96 -5.51
C LEU A 76 17.29 10.23 -4.72
N TYR A 77 16.05 10.69 -4.62
CA TYR A 77 15.77 11.87 -3.78
C TYR A 77 15.00 11.50 -2.51
N LEU A 78 15.55 11.84 -1.35
CA LEU A 78 14.84 11.66 -0.07
C LEU A 78 14.25 12.98 0.42
N VAL A 79 12.95 12.99 0.69
CA VAL A 79 12.20 14.20 1.03
C VAL A 79 11.75 14.15 2.49
N PHE A 80 12.22 15.08 3.31
CA PHE A 80 12.02 14.99 4.76
C PHE A 80 11.23 16.23 5.14
N GLU A 81 10.66 16.26 6.36
CA GLU A 81 10.05 17.50 6.83
C GLU A 81 11.18 18.48 7.09
N PHE A 82 10.99 19.77 6.85
CA PHE A 82 12.08 20.71 7.06
C PHE A 82 12.27 21.02 8.53
N LEU A 83 13.50 21.07 9.03
CA LEU A 83 13.68 21.56 10.40
C LEU A 83 14.78 22.60 10.51
N HIS A 84 14.50 23.64 11.29
CA HIS A 84 15.22 24.91 11.16
C HIS A 84 16.75 24.74 11.34
N GLN A 85 17.16 23.94 12.33
CA GLN A 85 18.57 23.67 12.55
C GLN A 85 18.89 22.56 13.56
N ASP A 86 20.18 22.29 13.74
CA ASP A 86 20.61 21.22 14.63
C ASP A 86 21.00 21.73 16.01
N LEU A 87 21.16 20.83 16.99
CA LEU A 87 21.40 21.26 18.36
C LEU A 87 22.84 21.73 18.54
N LYS A 88 23.74 21.10 17.81
CA LYS A 88 25.13 21.51 17.77
C LYS A 88 25.33 23.02 17.46
N LYS A 89 24.83 23.48 16.32
CA LYS A 89 24.83 24.91 16.05
C LYS A 89 24.16 25.73 17.14
N PHE A 90 23.02 25.25 17.63
CA PHE A 90 22.34 25.97 18.69
C PHE A 90 23.26 26.10 19.91
N MET A 91 23.99 25.05 20.27
CA MET A 91 24.76 25.13 21.50
C MET A 91 25.97 26.04 21.29
N ASP A 92 26.49 26.03 20.08
CA ASP A 92 27.52 27.00 19.68
C ASP A 92 27.04 28.45 19.84
N ALA A 93 25.79 28.72 19.46
CA ALA A 93 25.27 30.10 19.53
C ALA A 93 24.66 30.45 20.89
N SER A 94 24.17 29.45 21.62
CA SER A 94 23.80 29.62 23.02
C SER A 94 25.02 29.55 23.94
N ALA A 95 26.21 29.46 23.36
CA ALA A 95 27.41 29.29 24.18
C ALA A 95 27.75 30.62 24.87
N LEU A 96 28.33 30.57 26.07
CA LEU A 96 28.57 31.81 26.81
C LEU A 96 27.35 32.32 27.58
N THR A 97 26.15 31.95 27.12
CA THR A 97 24.94 32.26 27.86
C THR A 97 24.40 31.00 28.53
N GLY A 98 24.80 29.84 28.02
CA GLY A 98 24.12 28.56 28.27
C GLY A 98 22.73 28.43 27.66
N ILE A 99 22.30 27.20 27.40
CA ILE A 99 20.90 26.90 27.07
C ILE A 99 20.07 26.85 28.34
N PRO A 100 18.95 27.58 28.40
CA PRO A 100 18.17 27.61 29.65
C PRO A 100 17.84 26.19 30.12
N LEU A 101 18.14 25.87 31.38
CA LEU A 101 17.72 24.61 32.00
C LEU A 101 16.42 23.99 31.46
N PRO A 102 15.33 24.75 31.46
CA PRO A 102 14.00 24.20 31.16
C PRO A 102 13.88 23.69 29.72
N LEU A 103 14.70 24.23 28.82
CA LEU A 103 14.66 23.81 27.42
C LEU A 103 15.46 22.52 27.33
N ILE A 104 16.53 22.45 28.12
CA ILE A 104 17.33 21.24 28.33
C ILE A 104 16.46 20.06 28.74
N LYS A 105 15.58 20.27 29.71
CA LYS A 105 14.70 19.20 30.14
C LYS A 105 13.64 18.82 29.10
N SER A 106 13.16 19.82 28.35
CA SER A 106 12.20 19.57 27.28
C SER A 106 12.82 18.77 26.14
N TYR A 107 13.97 19.27 25.69
CA TYR A 107 14.78 18.55 24.71
C TYR A 107 15.06 17.12 25.14
N LEU A 108 15.62 16.92 26.32
CA LEU A 108 15.92 15.55 26.75
C LEU A 108 14.68 14.67 26.83
N PHE A 109 13.56 15.27 27.20
CA PHE A 109 12.32 14.51 27.45
C PHE A 109 11.78 14.01 26.11
N GLN A 110 11.83 14.91 25.12
CA GLN A 110 11.42 14.62 23.76
C GLN A 110 12.39 13.62 23.10
N LEU A 111 13.70 13.76 23.32
CA LEU A 111 14.64 12.78 22.74
C LEU A 111 14.38 11.39 23.26
N LEU A 112 14.13 11.31 24.57
CA LEU A 112 13.88 10.03 25.23
C LEU A 112 12.65 9.33 24.68
N GLN A 113 11.64 10.10 24.33
CA GLN A 113 10.43 9.54 23.70
C GLN A 113 10.68 9.01 22.28
N GLY A 114 11.45 9.75 21.49
CA GLY A 114 11.86 9.29 20.16
C GLY A 114 12.69 8.04 20.24
N LEU A 115 13.70 8.07 21.10
CA LEU A 115 14.53 6.89 21.36
C LEU A 115 13.66 5.72 21.79
N ALA A 116 12.72 5.95 22.70
CA ALA A 116 11.94 4.86 23.32
C ALA A 116 11.16 4.20 22.20
N PHE A 117 10.75 5.05 21.26
CA PHE A 117 9.95 4.59 20.12
C PHE A 117 10.78 3.79 19.14
N CYS A 118 12.01 4.24 18.86
CA CYS A 118 12.93 3.41 18.07
C CYS A 118 13.11 2.06 18.70
N HIS A 119 13.50 2.05 19.97
CA HIS A 119 13.93 0.84 20.64
C HIS A 119 12.77 -0.15 20.78
N SER A 120 11.56 0.35 20.93
CA SER A 120 10.43 -0.57 20.93
C SER A 120 10.03 -1.11 19.53
N HIS A 121 10.70 -0.60 18.50
CA HIS A 121 10.46 -1.07 17.15
C HIS A 121 11.75 -1.69 16.60
N ARG A 122 12.51 -2.31 17.51
CA ARG A 122 13.80 -2.88 17.20
C ARG A 122 14.72 -2.08 16.25
N VAL A 123 14.76 -0.76 16.44
CA VAL A 123 15.71 0.08 15.75
C VAL A 123 16.73 0.74 16.68
N LEU A 124 18.03 0.55 16.43
CA LEU A 124 19.12 1.28 17.11
C LEU A 124 19.57 2.42 16.24
N HIS A 125 19.76 3.60 16.84
CA HIS A 125 20.30 4.71 16.06
C HIS A 125 21.81 4.59 15.83
N ARG A 126 22.55 4.45 16.93
CA ARG A 126 23.96 4.16 16.89
C ARG A 126 24.86 5.36 16.71
N ASP A 127 24.31 6.49 16.30
CA ASP A 127 25.17 7.63 16.01
C ASP A 127 24.49 8.89 16.53
N LEU A 128 24.11 8.89 17.81
CA LEU A 128 23.49 10.07 18.36
C LEU A 128 24.57 11.07 18.75
N LYS A 129 24.61 12.18 18.04
CA LYS A 129 25.41 13.33 18.44
C LYS A 129 24.57 14.57 18.19
N PRO A 130 24.98 15.73 18.72
CA PRO A 130 24.08 16.87 18.60
C PRO A 130 23.83 17.27 17.14
N GLN A 131 24.76 17.05 16.24
CA GLN A 131 24.53 17.43 14.85
C GLN A 131 23.41 16.63 14.17
N ASN A 132 23.09 15.47 14.76
CA ASN A 132 21.98 14.63 14.30
C ASN A 132 20.64 14.94 14.94
N LEU A 133 20.60 15.94 15.83
CA LEU A 133 19.38 16.26 16.57
C LEU A 133 18.79 17.59 16.07
N LEU A 134 17.63 17.56 15.43
CA LEU A 134 17.12 18.74 14.70
C LEU A 134 16.03 19.43 15.50
N ILE A 135 16.14 20.74 15.66
CA ILE A 135 15.13 21.54 16.39
C ILE A 135 14.40 22.52 15.44
N ASN A 136 13.14 22.82 15.73
CA ASN A 136 12.42 23.83 14.97
C ASN A 136 12.13 25.05 15.87
N THR A 137 11.46 26.07 15.32
CA THR A 137 11.15 27.28 16.09
C THR A 137 10.01 27.14 17.10
N GLU A 138 9.30 26.03 17.10
CA GLU A 138 8.24 25.84 18.08
C GLU A 138 8.66 25.06 19.31
N GLY A 139 9.97 24.78 19.43
CA GLY A 139 10.49 24.14 20.63
C GLY A 139 10.59 22.64 20.56
N ALA A 140 10.37 22.05 19.37
CA ALA A 140 10.47 20.60 19.16
C ALA A 140 11.89 20.20 18.81
N ILE A 141 12.23 18.97 19.19
CA ILE A 141 13.50 18.38 18.82
C ILE A 141 13.32 16.94 18.34
N LYS A 142 14.09 16.52 17.34
CA LYS A 142 13.83 15.25 16.66
C LYS A 142 15.15 14.54 16.35
N LEU A 143 15.15 13.21 16.56
CA LEU A 143 16.20 12.34 16.05
C LEU A 143 16.29 12.40 14.52
N ALA A 144 17.48 12.65 13.98
CA ALA A 144 17.64 12.56 12.54
C ALA A 144 18.85 11.77 12.09
N ASP A 145 18.98 11.66 10.77
CA ASP A 145 20.13 10.97 10.17
C ASP A 145 20.27 9.50 10.57
N PHE A 146 19.43 8.64 9.99
CA PHE A 146 19.40 7.24 10.37
C PHE A 146 20.26 6.41 9.42
N GLY A 147 21.22 7.07 8.78
CA GLY A 147 22.16 6.40 7.90
C GLY A 147 22.86 5.18 8.47
N LEU A 148 23.20 5.22 9.75
CA LEU A 148 23.85 4.10 10.39
C LEU A 148 22.93 3.22 11.22
N ALA A 149 21.64 3.52 11.26
CA ALA A 149 20.75 2.82 12.18
C ALA A 149 20.63 1.36 11.77
N ARG A 150 20.36 0.47 12.72
CA ARG A 150 20.27 -0.98 12.45
C ARG A 150 19.03 -1.56 13.09
N ALA A 151 18.39 -2.53 12.44
CA ALA A 151 17.34 -3.34 13.09
C ALA A 151 17.97 -4.40 13.97
N PHE A 152 17.49 -4.54 15.21
CA PHE A 152 18.04 -5.57 16.13
C PHE A 152 17.13 -6.75 16.45
N GLY A 153 16.30 -7.15 15.49
CA GLY A 153 15.57 -8.41 15.62
C GLY A 153 16.50 -9.56 15.97
N VAL A 154 17.70 -9.52 15.40
CA VAL A 154 18.87 -10.29 15.85
C VAL A 154 19.93 -9.32 16.39
N PRO A 155 20.72 -9.72 17.40
CA PRO A 155 21.65 -8.71 17.93
C PRO A 155 22.61 -8.18 16.86
N VAL A 156 22.98 -6.91 16.98
CA VAL A 156 23.87 -6.21 16.06
C VAL A 156 25.36 -6.30 16.45
N ARG A 157 26.18 -6.75 15.51
CA ARG A 157 27.57 -7.10 15.77
C ARG A 157 28.41 -5.86 15.55
N THR A 158 29.39 -5.64 16.42
CA THR A 158 30.05 -4.35 16.44
C THR A 158 31.15 -4.34 15.39
N TYR A 159 31.32 -3.17 14.76
CA TYR A 159 32.41 -2.92 13.80
C TYR A 159 33.74 -2.91 14.54
N THR A 160 34.61 -3.87 14.25
CA THR A 160 35.89 -3.88 14.97
C THR A 160 36.48 -2.47 14.95
N HIS A 161 36.41 -1.83 13.79
CA HIS A 161 36.89 -0.46 13.63
C HIS A 161 35.70 0.43 13.37
N GLU A 162 35.38 1.25 14.37
CA GLU A 162 34.16 2.04 14.38
C GLU A 162 34.28 3.29 13.52
N VAL A 163 33.56 3.37 12.40
CA VAL A 163 33.21 4.68 11.83
C VAL A 163 31.92 5.25 12.43
N VAL A 164 31.98 5.63 13.71
CA VAL A 164 30.75 5.84 14.50
C VAL A 164 30.90 6.85 15.66
N THR A 165 31.73 7.87 15.47
CA THR A 165 31.92 8.97 16.44
C THR A 165 32.53 8.62 17.80
N LEU A 166 33.32 9.53 18.34
CA LEU A 166 34.17 9.19 19.48
C LEU A 166 33.57 9.66 20.79
N TRP A 167 33.15 10.92 20.82
CA TRP A 167 32.89 11.60 22.09
C TRP A 167 31.69 11.01 22.86
N TYR A 168 30.93 10.13 22.22
CA TYR A 168 29.54 9.82 22.61
C TYR A 168 29.44 8.30 22.52
N ARG A 169 30.60 7.67 22.44
CA ARG A 169 30.72 6.22 22.32
C ARG A 169 30.76 5.58 23.70
N ALA A 170 30.09 4.44 23.87
CA ALA A 170 29.84 3.84 25.20
C ALA A 170 31.07 3.05 25.61
N PRO A 171 31.29 2.83 26.91
CA PRO A 171 32.53 2.16 27.29
C PRO A 171 32.56 0.70 26.89
N GLU A 172 31.41 0.03 26.85
CA GLU A 172 31.42 -1.37 26.40
C GLU A 172 31.93 -1.54 24.99
N ILE A 173 31.58 -0.62 24.11
CA ILE A 173 32.15 -0.58 22.76
C ILE A 173 33.64 -0.26 22.75
N LEU A 174 34.08 0.76 23.50
CA LEU A 174 35.52 0.99 23.63
C LEU A 174 36.28 -0.21 24.21
N LEU A 175 35.65 -1.07 24.99
CA LEU A 175 36.42 -2.16 25.61
C LEU A 175 36.26 -3.42 24.77
N GLY A 176 35.80 -3.22 23.54
CA GLY A 176 35.85 -4.28 22.53
C GLY A 176 34.72 -5.28 22.70
N CYS A 177 33.65 -4.87 23.35
CA CYS A 177 32.41 -5.63 23.28
C CYS A 177 32.01 -5.87 21.81
N LYS A 178 31.26 -6.93 21.57
CA LYS A 178 31.05 -7.45 20.24
C LYS A 178 29.59 -7.30 19.78
N TYR A 179 28.71 -6.89 20.70
CA TYR A 179 27.36 -6.47 20.31
C TYR A 179 27.01 -5.05 20.77
N TYR A 180 26.28 -4.34 19.93
CA TYR A 180 25.53 -3.18 20.36
C TYR A 180 24.33 -3.54 21.22
N SER A 181 23.81 -2.58 21.97
CA SER A 181 22.48 -2.79 22.51
C SER A 181 21.94 -1.39 22.65
N THR A 182 20.69 -1.33 23.07
CA THR A 182 20.01 -0.06 23.20
C THR A 182 20.74 0.85 24.19
N ALA A 183 21.44 0.24 25.13
CA ALA A 183 22.29 1.00 26.02
C ALA A 183 23.27 1.97 25.36
N VAL A 184 23.72 1.73 24.12
CA VAL A 184 24.67 2.67 23.49
C VAL A 184 24.00 4.01 23.14
N ASP A 185 22.72 3.91 22.79
CA ASP A 185 21.92 5.10 22.53
C ASP A 185 21.74 5.93 23.80
N ILE A 186 21.55 5.25 24.92
CA ILE A 186 21.29 5.90 26.19
C ILE A 186 22.55 6.65 26.62
N TRP A 187 23.69 5.98 26.50
CA TRP A 187 24.99 6.61 26.72
C TRP A 187 25.26 7.89 25.93
N SER A 188 25.21 7.86 24.61
CA SER A 188 25.22 9.11 23.83
C SER A 188 24.30 10.20 24.35
N LEU A 189 23.04 9.84 24.49
CA LEU A 189 22.06 10.76 25.02
C LEU A 189 22.47 11.37 26.35
N GLY A 190 23.02 10.57 27.27
CA GLY A 190 23.50 11.13 28.54
C GLY A 190 24.69 12.06 28.37
N CYS A 191 25.58 11.74 27.44
CA CYS A 191 26.67 12.68 27.18
C CYS A 191 26.13 13.97 26.62
N ILE A 192 25.00 13.92 25.93
CA ILE A 192 24.57 15.08 25.16
C ILE A 192 23.84 15.95 26.18
N PHE A 193 23.14 15.29 27.10
CA PHE A 193 22.58 15.93 28.29
C PHE A 193 23.63 16.75 29.08
N ALA A 194 24.72 16.12 29.51
CA ALA A 194 25.75 16.88 30.21
C ALA A 194 26.32 18.00 29.33
N GLU A 195 26.44 17.75 28.03
CA GLU A 195 26.91 18.78 27.10
C GLU A 195 26.00 20.02 27.07
N MET A 196 24.69 19.81 27.03
CA MET A 196 23.81 20.96 27.05
C MET A 196 24.02 21.66 28.39
N VAL A 197 24.23 20.88 29.45
CA VAL A 197 24.16 21.45 30.77
C VAL A 197 25.42 22.26 31.04
N THR A 198 26.59 21.67 30.79
CA THR A 198 27.85 22.25 31.22
C THR A 198 28.43 23.11 30.10
N ARG A 199 27.87 22.97 28.91
CA ARG A 199 28.29 23.77 27.76
C ARG A 199 29.52 23.24 27.03
N ARG A 200 30.09 22.13 27.49
CA ARG A 200 31.08 21.44 26.66
C ARG A 200 30.96 19.93 26.68
N ALA A 201 31.35 19.29 25.58
CA ALA A 201 31.38 17.82 25.53
C ALA A 201 31.91 17.18 26.84
N LEU A 202 31.11 16.31 27.47
CA LEU A 202 31.49 15.55 28.68
C LEU A 202 32.82 14.82 28.58
N PHE A 203 32.97 13.96 27.57
CA PHE A 203 34.19 13.19 27.31
C PHE A 203 34.78 13.37 25.89
N PRO A 204 35.51 14.47 25.65
CA PRO A 204 36.09 14.80 24.33
C PRO A 204 37.45 14.13 24.14
N GLY A 205 37.44 12.83 23.89
CA GLY A 205 38.68 12.07 23.68
C GLY A 205 39.33 12.17 22.31
N ASP A 206 40.59 11.77 22.25
CA ASP A 206 41.42 12.01 21.09
C ASP A 206 41.86 10.71 20.43
N SER A 207 41.83 9.61 21.18
CA SER A 207 41.77 8.25 20.57
C SER A 207 40.88 7.38 21.45
N GLU A 208 40.65 6.15 21.03
CA GLU A 208 39.90 5.23 21.85
C GLU A 208 40.48 5.11 23.27
N ILE A 209 41.79 4.91 23.41
CA ILE A 209 42.37 4.94 24.74
C ILE A 209 42.19 6.26 25.49
N ASP A 210 42.30 7.40 24.82
CA ASP A 210 42.06 8.66 25.54
C ASP A 210 40.60 8.80 25.98
N GLN A 211 39.69 8.30 25.15
CA GLN A 211 38.24 8.30 25.43
C GLN A 211 37.94 7.57 26.74
N LEU A 212 38.44 6.34 26.86
CA LEU A 212 38.24 5.51 28.04
C LEU A 212 38.77 6.22 29.26
N PHE A 213 39.95 6.81 29.13
CA PHE A 213 40.60 7.40 30.30
C PHE A 213 39.94 8.69 30.76
N ARG A 214 39.46 9.49 29.82
CA ARG A 214 38.53 10.57 30.14
C ARG A 214 37.25 10.10 30.82
N ILE A 215 36.70 8.97 30.37
CA ILE A 215 35.51 8.44 31.05
C ILE A 215 35.87 7.93 32.46
N PHE A 216 36.88 7.06 32.53
CA PHE A 216 37.42 6.54 33.79
C PHE A 216 37.77 7.64 34.77
N ARG A 217 38.27 8.77 34.27
CA ARG A 217 38.72 9.81 35.18
C ARG A 217 37.58 10.52 35.87
N THR A 218 36.43 10.60 35.20
CA THR A 218 35.27 11.28 35.75
C THR A 218 34.39 10.34 36.54
N LEU A 219 34.20 9.13 36.02
CA LEU A 219 33.23 8.19 36.58
C LEU A 219 33.92 7.18 37.50
N GLY A 220 35.25 7.23 37.49
CA GLY A 220 36.03 6.20 38.17
C GLY A 220 36.28 4.98 37.30
N THR A 221 37.39 4.31 37.58
CA THR A 221 37.79 3.15 36.81
C THR A 221 36.93 1.97 37.23
N PRO A 222 36.31 1.25 36.28
CA PRO A 222 35.44 0.14 36.72
C PRO A 222 36.19 -1.08 37.28
N ASP A 223 35.51 -1.85 38.10
CA ASP A 223 35.99 -3.18 38.46
C ASP A 223 34.79 -4.14 38.39
N GLU A 224 34.97 -5.35 38.90
CA GLU A 224 33.97 -6.42 38.73
C GLU A 224 32.73 -6.24 39.61
N VAL A 225 32.85 -5.40 40.63
CA VAL A 225 31.74 -5.09 41.50
C VAL A 225 30.77 -4.18 40.73
N VAL A 226 31.26 -3.02 40.29
CA VAL A 226 30.47 -2.05 39.51
C VAL A 226 30.01 -2.65 38.17
N TRP A 227 30.87 -3.45 37.55
CA TRP A 227 30.63 -3.93 36.19
C TRP A 227 31.08 -5.39 36.09
N PRO A 228 30.26 -6.31 36.61
CA PRO A 228 30.63 -7.72 36.47
C PRO A 228 31.03 -8.08 35.04
N GLY A 229 32.24 -8.60 34.84
CA GLY A 229 32.71 -8.88 33.49
C GLY A 229 33.83 -8.00 32.95
N VAL A 230 33.92 -6.73 33.37
CA VAL A 230 34.83 -5.84 32.68
C VAL A 230 36.21 -6.46 32.44
N THR A 231 36.72 -7.13 33.46
CA THR A 231 38.16 -7.44 33.50
C THR A 231 38.47 -8.56 32.51
N SER A 232 37.42 -9.23 32.06
CA SER A 232 37.54 -10.20 31.00
C SER A 232 36.96 -9.71 29.65
N MET A 233 37.23 -8.44 29.34
CA MET A 233 36.80 -7.88 28.07
C MET A 233 37.97 -7.63 27.13
N PRO A 234 37.81 -8.05 25.87
CA PRO A 234 38.92 -8.13 24.92
C PRO A 234 39.92 -6.98 25.08
N ASP A 235 39.45 -5.78 25.37
CA ASP A 235 40.34 -4.62 25.27
C ASP A 235 40.73 -4.07 26.63
N TYR A 236 40.29 -4.76 27.68
CA TYR A 236 40.66 -4.45 29.08
C TYR A 236 42.10 -4.86 29.47
N LYS A 237 42.74 -4.04 30.30
CA LYS A 237 44.07 -4.37 30.82
C LYS A 237 44.15 -4.23 32.35
N PRO A 238 44.81 -5.19 33.01
CA PRO A 238 45.07 -4.98 34.45
C PRO A 238 45.90 -3.73 34.75
N SER A 239 46.43 -3.08 33.71
CA SER A 239 47.39 -2.01 33.88
C SER A 239 46.75 -0.61 33.88
N PHE A 240 45.44 -0.56 33.64
CA PHE A 240 44.72 0.71 33.60
C PHE A 240 44.90 1.44 34.92
N PRO A 241 45.22 2.75 34.90
CA PRO A 241 45.26 3.55 36.13
C PRO A 241 43.94 3.43 36.86
N LYS A 242 44.00 3.36 38.19
CA LYS A 242 42.79 3.37 39.02
C LYS A 242 42.43 4.78 39.51
N TRP A 243 41.50 5.42 38.82
CA TRP A 243 40.95 6.70 39.30
C TRP A 243 39.72 6.54 40.19
N ALA A 244 39.32 7.63 40.83
CA ALA A 244 38.15 7.64 41.72
C ALA A 244 36.90 8.23 41.06
N ARG A 245 35.72 7.73 41.42
CA ARG A 245 34.47 8.36 40.97
C ARG A 245 34.29 9.79 41.48
N GLN A 246 34.71 10.79 40.70
CA GLN A 246 34.36 12.20 40.91
C GLN A 246 32.90 12.44 41.29
N ASP A 247 32.66 13.40 42.18
CA ASP A 247 31.31 13.74 42.64
C ASP A 247 30.56 14.41 41.49
N PHE A 248 29.33 13.96 41.26
CA PHE A 248 28.61 14.42 40.08
C PHE A 248 28.34 15.91 40.18
N SER A 249 28.21 16.38 41.42
CA SER A 249 28.08 17.81 41.69
C SER A 249 29.21 18.63 41.08
N LYS A 250 30.34 17.97 40.87
CA LYS A 250 31.54 18.65 40.39
C LYS A 250 31.56 18.59 38.85
N VAL A 251 31.18 17.42 38.32
CA VAL A 251 30.92 17.19 36.89
C VAL A 251 29.84 18.10 36.26
N VAL A 252 28.65 18.14 36.83
CA VAL A 252 27.60 18.99 36.27
C VAL A 252 27.02 19.98 37.27
N PRO A 253 27.82 21.01 37.57
CA PRO A 253 27.41 21.92 38.64
C PRO A 253 25.97 22.42 38.49
N PRO A 254 25.58 22.96 37.33
CA PRO A 254 24.32 23.70 37.37
C PRO A 254 23.11 22.83 37.67
N LEU A 255 23.27 21.54 37.95
CA LEU A 255 22.13 20.63 37.89
C LEU A 255 21.63 20.28 39.28
N ASP A 256 20.32 20.11 39.44
CA ASP A 256 19.72 19.75 40.73
C ASP A 256 19.83 18.25 41.08
N GLU A 257 19.30 17.83 42.22
CA GLU A 257 19.67 16.51 42.76
C GLU A 257 19.07 15.39 41.92
N ASP A 258 18.15 15.76 41.04
CA ASP A 258 17.36 14.78 40.30
C ASP A 258 17.93 14.57 38.90
N GLY A 259 18.16 15.68 38.20
CA GLY A 259 19.10 15.71 37.08
C GLY A 259 20.37 14.91 37.29
N ARG A 260 21.02 15.08 38.44
CA ARG A 260 22.29 14.41 38.69
C ARG A 260 21.97 12.93 38.80
N SER A 261 20.81 12.63 39.37
CA SER A 261 20.51 11.22 39.61
C SER A 261 20.20 10.49 38.30
N LEU A 262 19.46 11.17 37.42
CA LEU A 262 19.09 10.59 36.13
C LEU A 262 20.38 10.51 35.33
N LEU A 263 21.11 11.62 35.30
CA LEU A 263 22.29 11.63 34.46
C LEU A 263 23.12 10.41 34.81
N SER A 264 23.24 10.10 36.10
CA SER A 264 24.23 9.09 36.48
C SER A 264 23.70 7.71 36.15
N GLN A 265 22.39 7.58 36.11
CA GLN A 265 21.76 6.37 35.60
C GLN A 265 21.88 6.14 34.09
N MET A 266 21.94 7.21 33.30
CA MET A 266 22.10 7.06 31.87
C MET A 266 23.56 6.72 31.58
N LEU A 267 24.45 7.00 32.54
CA LEU A 267 25.86 6.66 32.42
C LEU A 267 26.38 5.60 33.39
N HIS A 268 25.53 4.73 33.89
CA HIS A 268 26.04 3.45 34.46
C HIS A 268 27.00 2.71 33.54
N TYR A 269 28.09 2.17 34.08
CA TYR A 269 29.06 1.44 33.28
C TYR A 269 28.47 0.19 32.65
N ASP A 270 27.57 -0.49 33.35
CA ASP A 270 27.16 -1.84 32.99
C ASP A 270 25.94 -1.78 32.06
N PRO A 271 26.10 -2.26 30.82
CA PRO A 271 25.08 -1.96 29.83
C PRO A 271 23.77 -2.55 30.37
N ASN A 272 23.90 -3.64 31.11
CA ASN A 272 22.75 -4.31 31.71
C ASN A 272 22.01 -3.51 32.76
N LYS A 273 22.65 -2.53 33.39
CA LYS A 273 21.99 -1.78 34.45
C LYS A 273 21.69 -0.36 34.01
N ARG A 274 22.18 0.04 32.84
CA ARG A 274 21.98 1.40 32.37
C ARG A 274 20.48 1.64 32.16
N ILE A 275 19.97 2.79 32.53
CA ILE A 275 18.54 3.00 32.49
C ILE A 275 18.07 3.03 31.05
N SER A 276 16.91 2.46 30.76
CA SER A 276 16.39 2.36 29.40
C SER A 276 15.65 3.65 29.10
N ALA A 277 15.23 3.85 27.86
CA ALA A 277 14.58 5.12 27.57
C ALA A 277 13.16 5.18 28.15
N LYS A 278 12.43 4.07 28.09
CA LYS A 278 11.17 3.87 28.82
C LYS A 278 11.29 4.29 30.30
N ALA A 279 12.22 3.69 31.04
CA ALA A 279 12.34 3.96 32.47
C ALA A 279 12.68 5.42 32.78
N ALA A 280 13.59 6.01 32.00
CA ALA A 280 13.96 7.42 32.13
C ALA A 280 12.76 8.40 32.01
N LEU A 281 11.76 8.02 31.21
CA LEU A 281 10.61 8.90 31.04
C LEU A 281 9.81 9.03 32.33
N ALA A 282 9.80 7.95 33.12
CA ALA A 282 9.23 7.95 34.47
C ALA A 282 10.01 8.76 35.54
N HIS A 283 11.17 9.30 35.18
CA HIS A 283 12.01 9.91 36.21
C HIS A 283 11.48 11.24 36.78
N PRO A 284 11.44 11.32 38.12
CA PRO A 284 11.13 12.51 38.88
C PRO A 284 11.72 13.76 38.26
N PHE A 285 12.83 13.66 37.52
CA PHE A 285 13.38 14.88 36.93
C PHE A 285 12.35 15.51 36.00
N PHE A 286 11.45 14.69 35.45
CA PHE A 286 10.58 15.19 34.38
C PHE A 286 9.26 15.79 34.89
N GLN A 287 9.15 15.94 36.21
CA GLN A 287 7.89 16.29 36.89
C GLN A 287 7.39 17.65 36.45
N ASP A 288 8.30 18.61 36.29
CA ASP A 288 7.93 19.98 35.90
C ASP A 288 8.28 20.35 34.45
N VAL A 289 8.29 19.37 33.56
CA VAL A 289 8.79 19.64 32.20
C VAL A 289 7.77 20.50 31.47
N THR A 290 8.23 21.52 30.77
CA THR A 290 7.35 22.26 29.88
C THR A 290 7.88 22.29 28.45
N LYS A 291 7.29 23.11 27.59
CA LYS A 291 7.69 23.21 26.20
C LYS A 291 8.09 24.63 25.78
N PRO A 292 9.24 25.11 26.29
CA PRO A 292 9.68 26.44 25.87
C PRO A 292 10.25 26.45 24.45
N VAL A 293 10.22 27.61 23.83
CA VAL A 293 10.77 27.77 22.49
C VAL A 293 12.13 28.49 22.49
N PRO A 294 13.08 27.96 21.70
CA PRO A 294 14.41 28.56 21.73
C PRO A 294 14.45 29.99 21.18
N HIS A 295 15.41 30.78 21.65
CA HIS A 295 15.81 31.97 20.92
C HIS A 295 16.77 31.63 19.81
N LEU A 296 16.23 31.55 18.59
CA LEU A 296 16.82 30.75 17.52
C LEU A 296 17.49 31.63 16.46
N VAL B 2 18.43 -5.11 28.01
CA VAL B 2 17.74 -6.15 27.17
C VAL B 2 16.23 -6.23 27.37
N PRO B 3 15.79 -6.63 28.58
CA PRO B 3 14.39 -7.04 28.74
C PRO B 3 13.38 -5.91 28.99
N ASP B 4 13.78 -4.65 28.82
CA ASP B 4 12.79 -3.56 28.86
C ASP B 4 11.92 -3.48 27.58
N TYR B 5 12.45 -3.99 26.46
CA TYR B 5 11.78 -3.90 25.16
C TYR B 5 11.47 -5.28 24.56
N HIS B 6 12.00 -6.35 25.16
CA HIS B 6 11.79 -7.70 24.65
C HIS B 6 10.38 -7.89 24.05
N GLU B 7 9.37 -7.50 24.82
CA GLU B 7 7.99 -7.91 24.59
C GLU B 7 7.30 -7.00 23.57
N ASP B 8 7.60 -5.70 23.68
CA ASP B 8 7.29 -4.73 22.61
C ASP B 8 7.83 -5.21 21.27
N ILE B 9 9.13 -5.53 21.22
CA ILE B 9 9.76 -6.13 20.07
C ILE B 9 9.07 -7.38 19.57
N HIS B 10 8.92 -8.38 20.45
CA HIS B 10 8.17 -9.55 20.03
C HIS B 10 6.79 -9.22 19.42
N THR B 11 6.02 -8.34 20.07
CA THR B 11 4.68 -8.00 19.63
C THR B 11 4.75 -7.34 18.25
N TYR B 12 5.76 -6.50 18.05
CA TYR B 12 5.82 -5.69 16.85
C TYR B 12 6.35 -6.54 15.68
N LEU B 13 7.23 -7.49 15.98
CA LEU B 13 7.65 -8.42 14.96
C LEU B 13 6.47 -9.28 14.54
N ARG B 14 5.54 -9.54 15.45
CA ARG B 14 4.33 -10.28 15.04
C ARG B 14 3.46 -9.48 14.09
N GLU B 15 3.50 -8.17 14.21
CA GLU B 15 2.67 -7.30 13.37
C GLU B 15 3.34 -7.16 12.00
N MET B 16 4.64 -6.87 12.02
CA MET B 16 5.38 -6.76 10.77
C MET B 16 5.32 -8.05 9.95
N GLU B 17 5.46 -9.21 10.59
CA GLU B 17 5.59 -10.42 9.80
C GLU B 17 4.35 -10.64 8.92
N VAL B 18 3.22 -10.08 9.34
CA VAL B 18 2.00 -10.25 8.55
C VAL B 18 1.97 -9.30 7.36
N LYS B 19 2.48 -8.07 7.52
CA LYS B 19 2.78 -7.16 6.39
C LYS B 19 3.73 -7.71 5.33
N CYS B 20 4.72 -8.49 5.76
CA CYS B 20 5.87 -8.87 4.92
C CYS B 20 5.72 -10.30 4.36
N LYS B 21 4.51 -10.81 4.43
CA LYS B 21 4.16 -12.15 3.96
C LYS B 21 4.06 -12.12 2.43
N PRO B 22 4.73 -13.06 1.74
CA PRO B 22 4.57 -13.33 0.31
C PRO B 22 3.19 -13.90 -0.03
N LYS B 23 2.74 -13.76 -1.28
CA LYS B 23 1.58 -14.49 -1.80
C LYS B 23 1.88 -16.01 -1.83
N VAL B 24 1.04 -16.82 -1.20
CA VAL B 24 1.33 -18.26 -1.02
C VAL B 24 1.18 -19.16 -2.27
N GLY B 25 0.23 -18.85 -3.15
CA GLY B 25 0.09 -19.66 -4.35
C GLY B 25 0.73 -19.01 -5.56
N TYR B 26 1.87 -18.34 -5.38
CA TYR B 26 2.51 -17.56 -6.45
C TYR B 26 3.24 -18.43 -7.46
N MET B 27 3.90 -19.50 -7.02
CA MET B 27 4.67 -20.29 -7.98
C MET B 27 3.81 -20.88 -9.11
N LYS B 28 2.51 -21.03 -8.85
CA LYS B 28 1.56 -21.54 -9.83
C LYS B 28 1.23 -20.52 -10.92
N LYS B 29 1.38 -19.23 -10.58
CA LYS B 29 1.07 -18.15 -11.51
C LYS B 29 2.32 -17.80 -12.31
N GLN B 30 3.44 -18.41 -11.94
CA GLN B 30 4.66 -18.30 -12.73
C GLN B 30 4.72 -19.31 -13.89
N PRO B 31 4.66 -18.78 -15.12
CA PRO B 31 4.57 -19.65 -16.30
C PRO B 31 5.86 -20.37 -16.66
N ASP B 32 6.98 -19.91 -16.15
CA ASP B 32 8.26 -20.46 -16.61
C ASP B 32 9.18 -20.88 -15.47
N ILE B 33 8.83 -20.60 -14.22
CA ILE B 33 9.67 -21.07 -13.11
C ILE B 33 8.89 -21.93 -12.10
N THR B 34 9.62 -22.70 -11.31
CA THR B 34 9.02 -23.80 -10.54
C THR B 34 9.56 -23.83 -9.12
N ASN B 35 8.81 -24.42 -8.19
CA ASN B 35 9.27 -24.54 -6.77
C ASN B 35 10.66 -25.13 -6.73
N SER B 36 10.88 -26.06 -7.67
CA SER B 36 12.13 -26.79 -7.79
C SER B 36 13.36 -25.99 -8.28
N MET B 37 13.16 -25.13 -9.28
CA MET B 37 14.11 -24.05 -9.59
C MET B 37 14.39 -23.16 -8.40
N ARG B 38 13.34 -22.67 -7.75
CA ARG B 38 13.51 -21.92 -6.52
C ARG B 38 14.33 -22.64 -5.44
N ALA B 39 14.23 -23.96 -5.36
CA ALA B 39 15.08 -24.73 -4.46
C ALA B 39 16.51 -24.71 -4.91
N ILE B 40 16.72 -24.82 -6.22
CA ILE B 40 18.07 -24.69 -6.71
C ILE B 40 18.67 -23.36 -6.34
N LEU B 41 17.88 -22.29 -6.37
CA LEU B 41 18.41 -20.93 -6.15
C LEU B 41 18.71 -20.67 -4.67
N VAL B 42 17.80 -21.07 -3.80
CA VAL B 42 18.05 -20.96 -2.38
C VAL B 42 19.24 -21.73 -1.82
N ASP B 43 19.42 -22.95 -2.32
CA ASP B 43 20.59 -23.75 -1.97
C ASP B 43 21.87 -23.05 -2.39
N TRP B 44 21.89 -22.53 -3.62
CA TRP B 44 23.03 -21.76 -4.09
C TRP B 44 23.28 -20.55 -3.20
N LEU B 45 22.20 -19.93 -2.71
CA LEU B 45 22.41 -18.82 -1.79
C LEU B 45 23.04 -19.23 -0.47
N VAL B 46 22.71 -20.42 0.02
CA VAL B 46 23.32 -20.92 1.24
C VAL B 46 24.82 -21.02 1.03
N GLU B 47 25.23 -21.39 -0.18
CA GLU B 47 26.66 -21.55 -0.46
C GLU B 47 27.37 -20.20 -0.61
N VAL B 48 26.76 -19.29 -1.38
CA VAL B 48 27.33 -17.96 -1.51
C VAL B 48 27.56 -17.41 -0.10
N GLY B 49 26.60 -17.63 0.81
CA GLY B 49 26.71 -17.14 2.20
C GLY B 49 27.80 -17.76 3.08
N GLU B 50 27.96 -19.07 2.99
CA GLU B 50 29.13 -19.77 3.51
C GLU B 50 30.45 -19.19 3.03
N GLU B 51 30.61 -19.12 1.72
CA GLU B 51 31.80 -18.58 1.05
C GLU B 51 32.23 -17.17 1.47
N TYR B 52 31.30 -16.26 1.57
CA TYR B 52 31.67 -14.89 1.93
C TYR B 52 31.51 -14.61 3.42
N LYS B 53 31.27 -15.68 4.18
CA LYS B 53 31.11 -15.59 5.63
C LYS B 53 29.95 -14.67 5.99
N LEU B 54 28.90 -14.65 5.17
CA LEU B 54 27.68 -13.91 5.47
C LEU B 54 26.96 -14.50 6.69
N GLN B 55 26.43 -13.64 7.55
CA GLN B 55 25.46 -14.08 8.52
C GLN B 55 24.25 -14.79 7.91
N ASN B 56 23.66 -15.59 8.79
CA ASN B 56 22.52 -16.40 8.44
C ASN B 56 21.35 -15.49 8.24
N GLU B 57 21.24 -14.46 9.09
CA GLU B 57 20.18 -13.49 8.88
C GLU B 57 20.08 -12.99 7.43
N THR B 58 21.24 -12.84 6.79
CA THR B 58 21.34 -12.23 5.50
C THR B 58 20.66 -13.14 4.48
N LEU B 59 20.83 -14.44 4.66
CA LEU B 59 20.15 -15.48 3.87
C LEU B 59 18.62 -15.47 4.03
N HIS B 60 18.13 -15.44 5.25
CA HIS B 60 16.70 -15.33 5.44
C HIS B 60 16.19 -14.06 4.80
N LEU B 61 16.89 -12.94 4.95
CA LEU B 61 16.40 -11.71 4.35
C LEU B 61 16.26 -11.85 2.84
N ALA B 62 17.34 -12.33 2.20
CA ALA B 62 17.38 -12.50 0.75
C ALA B 62 16.24 -13.41 0.25
N VAL B 63 16.03 -14.55 0.94
CA VAL B 63 14.89 -15.37 0.64
C VAL B 63 13.52 -14.67 0.73
N ASN B 64 13.27 -13.90 1.79
CA ASN B 64 12.06 -13.09 1.87
C ASN B 64 11.89 -12.10 0.68
N TYR B 65 12.96 -11.50 0.20
CA TYR B 65 12.86 -10.47 -0.84
C TYR B 65 12.50 -11.15 -2.16
N ILE B 66 13.16 -12.29 -2.39
CA ILE B 66 12.96 -13.06 -3.58
C ILE B 66 11.48 -13.43 -3.67
N ASP B 67 10.94 -13.91 -2.55
CA ASP B 67 9.57 -14.42 -2.56
C ASP B 67 8.54 -13.27 -2.66
N ARG B 68 8.79 -12.15 -2.00
CA ARG B 68 7.89 -11.02 -2.20
C ARG B 68 8.00 -10.52 -3.65
N PHE B 69 9.21 -10.50 -4.20
CA PHE B 69 9.40 -10.13 -5.60
C PHE B 69 8.72 -11.09 -6.61
N LEU B 70 9.01 -12.38 -6.52
CA LEU B 70 8.43 -13.31 -7.49
C LEU B 70 6.92 -13.36 -7.32
N SER B 71 6.45 -12.85 -6.18
CA SER B 71 5.03 -12.67 -5.90
C SER B 71 4.26 -11.69 -6.79
N SER B 72 4.87 -10.57 -7.23
CA SER B 72 4.23 -9.67 -8.20
C SER B 72 4.86 -9.51 -9.59
N MET B 73 6.02 -10.10 -9.84
CA MET B 73 6.74 -9.96 -11.10
C MET B 73 6.99 -11.34 -11.72
N SER B 74 6.67 -11.55 -12.99
CA SER B 74 7.10 -12.78 -13.68
C SER B 74 8.55 -12.72 -14.14
N VAL B 75 9.20 -13.88 -14.06
CA VAL B 75 10.62 -14.00 -14.37
C VAL B 75 10.81 -15.27 -15.18
N LEU B 76 11.57 -15.16 -16.26
CA LEU B 76 11.92 -16.31 -17.11
C LEU B 76 13.04 -17.04 -16.40
N ARG B 77 13.22 -18.34 -16.65
CA ARG B 77 14.18 -19.09 -15.84
C ARG B 77 15.58 -18.45 -15.90
N GLY B 78 15.81 -17.74 -17.00
CA GLY B 78 17.15 -17.23 -17.29
C GLY B 78 17.45 -15.99 -16.48
N LYS B 79 16.43 -15.44 -15.85
CA LYS B 79 16.63 -14.28 -15.00
C LYS B 79 16.46 -14.57 -13.52
N LEU B 80 15.96 -15.74 -13.16
CA LEU B 80 15.76 -16.08 -11.74
C LEU B 80 16.99 -15.80 -10.88
N GLN B 81 18.16 -16.00 -11.44
CA GLN B 81 19.35 -16.03 -10.62
C GLN B 81 19.76 -14.57 -10.41
N LEU B 82 19.45 -13.75 -11.40
CA LEU B 82 19.69 -12.30 -11.34
C LEU B 82 18.86 -11.70 -10.23
N VAL B 83 17.64 -12.20 -10.06
CA VAL B 83 16.76 -11.73 -9.01
C VAL B 83 17.34 -12.18 -7.68
N GLY B 84 17.83 -13.42 -7.65
CA GLY B 84 18.49 -13.94 -6.48
C GLY B 84 19.73 -13.17 -6.08
N THR B 85 20.58 -12.85 -7.06
CA THR B 85 21.82 -12.12 -6.79
C THR B 85 21.56 -10.69 -6.29
N ALA B 86 20.68 -9.94 -6.94
CA ALA B 86 20.26 -8.62 -6.40
C ALA B 86 19.71 -8.71 -4.97
N ALA B 87 18.73 -9.59 -4.76
CA ALA B 87 18.31 -9.94 -3.39
C ALA B 87 19.44 -10.17 -2.37
N MET B 88 20.40 -11.05 -2.68
CA MET B 88 21.53 -11.25 -1.79
C MET B 88 22.34 -9.96 -1.56
N LEU B 89 22.51 -9.15 -2.61
CA LEU B 89 23.23 -7.89 -2.47
C LEU B 89 22.47 -6.95 -1.54
N LEU B 90 21.16 -6.83 -1.76
CA LEU B 90 20.38 -5.94 -0.91
C LEU B 90 20.37 -6.38 0.56
N ALA B 91 20.12 -7.66 0.79
CA ALA B 91 20.19 -8.24 2.12
C ALA B 91 21.53 -7.96 2.76
N SER B 92 22.61 -7.99 1.99
CA SER B 92 23.92 -7.71 2.57
C SER B 92 24.07 -6.26 3.03
N LYS B 93 23.70 -5.33 2.16
CA LYS B 93 23.79 -3.91 2.50
C LYS B 93 22.97 -3.61 3.76
N PHE B 94 21.85 -4.29 3.94
CA PHE B 94 20.97 -3.93 5.03
C PHE B 94 21.53 -4.56 6.31
N GLU B 95 22.00 -5.81 6.23
CA GLU B 95 22.35 -6.57 7.43
C GLU B 95 23.84 -6.64 7.73
N GLU B 96 24.69 -6.64 6.71
CA GLU B 96 26.10 -6.87 6.96
C GLU B 96 26.85 -5.59 7.30
N ILE B 97 27.92 -5.74 8.05
CA ILE B 97 28.81 -4.61 8.29
C ILE B 97 29.57 -4.13 7.06
N TYR B 98 30.42 -4.96 6.45
CA TYR B 98 30.87 -4.73 5.05
C TYR B 98 30.30 -5.78 4.12
N PRO B 99 29.33 -5.39 3.29
CA PRO B 99 28.77 -6.22 2.21
C PRO B 99 29.85 -6.52 1.21
N PRO B 100 29.87 -7.73 0.63
CA PRO B 100 30.77 -7.94 -0.50
C PRO B 100 30.36 -6.98 -1.63
N GLU B 101 31.32 -6.42 -2.36
CA GLU B 101 31.02 -5.50 -3.47
C GLU B 101 30.21 -6.14 -4.58
N VAL B 102 29.75 -5.33 -5.54
CA VAL B 102 28.99 -5.86 -6.67
C VAL B 102 29.79 -6.76 -7.58
N ALA B 103 31.06 -6.42 -7.78
CA ALA B 103 31.99 -7.22 -8.59
C ALA B 103 31.97 -8.66 -8.07
N GLU B 104 31.95 -8.81 -6.74
CA GLU B 104 32.03 -10.11 -6.07
C GLU B 104 30.76 -10.90 -6.34
N PHE B 105 29.64 -10.22 -6.37
CA PHE B 105 28.40 -10.90 -6.60
C PHE B 105 28.36 -11.28 -8.06
N VAL B 106 28.84 -10.41 -8.95
CA VAL B 106 28.90 -10.72 -10.37
C VAL B 106 29.83 -11.93 -10.54
N TYR B 107 31.01 -11.83 -9.93
CA TYR B 107 31.98 -12.91 -9.88
C TYR B 107 31.46 -14.30 -9.47
N ILE B 108 30.52 -14.39 -8.52
CA ILE B 108 30.09 -15.70 -8.07
C ILE B 108 28.93 -16.28 -8.85
N THR B 109 28.34 -15.52 -9.75
CA THR B 109 27.49 -16.12 -10.77
C THR B 109 28.34 -16.65 -11.91
N ASP B 110 29.66 -16.44 -11.83
CA ASP B 110 30.53 -16.77 -12.96
C ASP B 110 30.29 -15.85 -14.16
N ASP B 111 30.44 -14.54 -13.94
CA ASP B 111 30.20 -13.51 -14.94
C ASP B 111 29.03 -13.82 -15.87
N THR B 112 28.00 -14.44 -15.31
CA THR B 112 26.79 -14.77 -16.05
C THR B 112 25.81 -13.59 -16.25
N TYR B 113 26.00 -12.50 -15.51
CA TYR B 113 25.32 -11.23 -15.75
C TYR B 113 26.36 -10.15 -15.53
N THR B 114 26.05 -8.92 -15.93
CA THR B 114 27.03 -7.85 -15.79
C THR B 114 26.74 -7.03 -14.56
N LYS B 115 27.74 -6.26 -14.17
CA LYS B 115 27.69 -5.47 -12.96
C LYS B 115 26.55 -4.46 -13.08
N LYS B 116 26.21 -4.06 -14.30
CA LYS B 116 25.16 -3.08 -14.47
C LYS B 116 23.78 -3.74 -14.49
N GLN B 117 23.67 -4.92 -15.06
CA GLN B 117 22.44 -5.69 -14.94
C GLN B 117 22.11 -5.94 -13.45
N VAL B 118 23.09 -6.32 -12.63
CA VAL B 118 22.83 -6.59 -11.22
C VAL B 118 22.34 -5.33 -10.47
N LEU B 119 22.99 -4.19 -10.70
CA LEU B 119 22.51 -2.89 -10.21
C LEU B 119 21.14 -2.42 -10.71
N ARG B 120 20.83 -2.65 -11.98
CA ARG B 120 19.48 -2.36 -12.45
C ARG B 120 18.49 -3.31 -11.78
N MET B 121 18.86 -4.57 -11.64
CA MET B 121 18.02 -5.46 -10.84
C MET B 121 17.89 -4.96 -9.41
N GLU B 122 18.98 -4.47 -8.81
CA GLU B 122 18.87 -4.00 -7.42
C GLU B 122 17.83 -2.88 -7.27
N HIS B 123 17.91 -1.91 -8.16
CA HIS B 123 16.95 -0.82 -8.21
C HIS B 123 15.52 -1.34 -8.33
N LEU B 124 15.33 -2.35 -9.19
CA LEU B 124 13.99 -2.78 -9.52
C LEU B 124 13.39 -3.58 -8.35
N VAL B 125 14.22 -4.37 -7.68
CA VAL B 125 13.79 -5.00 -6.41
C VAL B 125 13.39 -3.97 -5.36
N LEU B 126 14.24 -2.97 -5.11
CA LEU B 126 13.86 -1.86 -4.25
C LEU B 126 12.50 -1.28 -4.64
N LYS B 127 12.27 -1.03 -5.92
CA LYS B 127 10.99 -0.44 -6.30
C LYS B 127 9.82 -1.38 -6.01
N VAL B 128 9.93 -2.63 -6.41
CA VAL B 128 8.85 -3.57 -6.15
C VAL B 128 8.53 -3.83 -4.69
N LEU B 129 9.56 -3.97 -3.86
CA LEU B 129 9.34 -4.07 -2.41
C LEU B 129 9.07 -2.72 -1.73
N THR B 130 8.89 -1.66 -2.53
CA THR B 130 8.76 -0.30 -1.99
C THR B 130 9.70 -0.02 -0.82
N PHE B 131 10.95 -0.46 -0.90
CA PHE B 131 11.95 -0.15 0.12
C PHE B 131 11.63 -0.77 1.48
N ASP B 132 10.62 -1.63 1.57
CA ASP B 132 10.38 -2.35 2.81
C ASP B 132 11.31 -3.54 3.04
N LEU B 133 12.45 -3.29 3.67
CA LEU B 133 13.46 -4.33 3.77
C LEU B 133 13.66 -4.93 5.16
N ALA B 134 13.00 -4.36 6.18
CA ALA B 134 13.32 -4.70 7.57
C ALA B 134 12.44 -5.88 7.98
N ALA B 135 12.50 -6.94 7.19
CA ALA B 135 11.57 -8.04 7.28
C ALA B 135 11.90 -9.02 8.42
N PRO B 136 10.88 -9.46 9.18
CA PRO B 136 11.05 -10.45 10.24
C PRO B 136 11.30 -11.82 9.68
N THR B 137 12.28 -12.52 10.20
CA THR B 137 12.66 -13.84 9.69
C THR B 137 12.51 -14.87 10.81
N VAL B 138 12.53 -16.15 10.42
CA VAL B 138 12.62 -17.32 11.32
C VAL B 138 13.77 -17.20 12.32
N ASN B 139 14.94 -16.83 11.79
CA ASN B 139 16.12 -16.46 12.57
C ASN B 139 15.80 -15.39 13.62
N GLN B 140 15.05 -14.35 13.26
CA GLN B 140 14.66 -13.40 14.31
C GLN B 140 13.82 -14.04 15.41
N PHE B 141 12.74 -14.70 15.06
CA PHE B 141 11.93 -15.34 16.08
C PHE B 141 12.67 -16.43 16.89
N LEU B 142 13.52 -17.21 16.24
CA LEU B 142 14.34 -18.19 16.94
C LEU B 142 15.23 -17.51 17.98
N THR B 143 15.88 -16.42 17.58
CA THR B 143 16.68 -15.65 18.51
C THR B 143 15.86 -15.15 19.72
N GLN B 144 14.63 -14.73 19.49
CA GLN B 144 13.80 -14.26 20.57
C GLN B 144 13.44 -15.48 21.41
N TYR B 145 12.91 -16.52 20.78
CA TYR B 145 12.62 -17.75 21.51
C TYR B 145 13.75 -18.22 22.43
N PHE B 146 14.99 -18.26 21.95
CA PHE B 146 16.11 -18.78 22.76
C PHE B 146 16.27 -18.13 24.14
N LEU B 147 15.88 -16.88 24.30
CA LEU B 147 15.88 -16.33 25.65
C LEU B 147 15.07 -17.12 26.72
N HIS B 148 14.23 -18.06 26.31
CA HIS B 148 13.24 -18.71 27.18
C HIS B 148 13.58 -20.16 27.49
N GLN B 149 14.79 -20.56 27.18
CA GLN B 149 15.22 -21.96 27.32
C GLN B 149 16.04 -22.10 28.61
N GLN B 150 15.86 -23.20 29.34
CA GLN B 150 16.41 -23.35 30.71
C GLN B 150 16.80 -24.80 31.02
N PRO B 151 18.10 -25.11 30.99
CA PRO B 151 19.18 -24.14 30.80
C PRO B 151 19.39 -23.95 29.29
N ALA B 152 20.26 -23.01 28.89
CA ALA B 152 20.67 -22.93 27.49
C ALA B 152 21.35 -24.22 27.05
N ASN B 153 20.81 -24.84 25.99
CA ASN B 153 21.53 -25.86 25.25
C ASN B 153 21.84 -25.32 23.86
N CYS B 154 23.11 -25.42 23.45
CA CYS B 154 23.50 -24.84 22.17
C CYS B 154 23.59 -25.87 21.02
N LYS B 155 23.58 -27.15 21.36
CA LYS B 155 23.13 -28.15 20.40
C LYS B 155 21.66 -27.93 20.05
N VAL B 156 20.87 -27.54 21.06
CA VAL B 156 19.50 -27.18 20.75
C VAL B 156 19.39 -26.03 19.75
N GLU B 157 20.29 -25.05 19.85
CA GLU B 157 20.17 -23.81 19.10
C GLU B 157 20.52 -24.06 17.64
N SER B 158 21.68 -24.67 17.43
CA SER B 158 22.15 -25.00 16.10
C SER B 158 21.08 -25.78 15.39
N LEU B 159 20.50 -26.75 16.09
CA LEU B 159 19.70 -27.76 15.41
C LEU B 159 18.42 -27.06 14.98
N ALA B 160 17.94 -26.16 15.84
CA ALA B 160 16.84 -25.28 15.47
C ALA B 160 17.13 -24.38 14.27
N MET B 161 18.31 -23.77 14.24
CA MET B 161 18.70 -22.90 13.13
C MET B 161 18.66 -23.75 11.86
N PHE B 162 19.25 -24.93 12.02
CA PHE B 162 19.30 -25.87 10.92
C PHE B 162 17.91 -26.09 10.34
N LEU B 163 16.97 -26.47 11.20
CA LEU B 163 15.64 -26.81 10.72
C LEU B 163 15.01 -25.58 10.07
N GLY B 164 15.30 -24.41 10.64
CA GLY B 164 14.74 -23.19 10.11
C GLY B 164 15.32 -22.85 8.75
N GLU B 165 16.62 -23.07 8.53
CA GLU B 165 17.15 -22.94 7.19
C GLU B 165 16.56 -23.96 6.20
N LEU B 166 16.36 -25.19 6.64
CA LEU B 166 15.76 -26.24 5.79
C LEU B 166 14.49 -25.74 5.15
N SER B 167 13.72 -24.95 5.89
CA SER B 167 12.36 -24.66 5.50
C SER B 167 12.32 -23.61 4.42
N LEU B 168 13.48 -23.03 4.10
CA LEU B 168 13.62 -21.94 3.15
C LEU B 168 13.67 -22.56 1.75
N ILE B 169 14.16 -23.79 1.70
CA ILE B 169 14.43 -24.46 0.44
C ILE B 169 13.15 -24.81 -0.33
N ASP B 170 12.08 -25.09 0.41
CA ASP B 170 10.84 -25.70 -0.12
C ASP B 170 9.65 -24.77 0.15
N ALA B 171 9.32 -23.96 -0.85
CA ALA B 171 8.10 -23.14 -0.83
C ALA B 171 6.89 -24.07 -0.84
N ASP B 172 7.20 -25.30 -1.20
CA ASP B 172 6.29 -26.42 -1.34
C ASP B 172 5.30 -26.67 -0.21
N PRO B 173 5.78 -26.90 1.02
CA PRO B 173 4.89 -26.56 2.13
C PRO B 173 5.14 -25.23 2.83
N TYR B 174 6.37 -24.71 2.89
CA TYR B 174 6.64 -23.61 3.85
C TYR B 174 6.06 -22.20 3.71
N LEU B 175 5.69 -21.76 2.50
CA LEU B 175 5.03 -20.47 2.38
C LEU B 175 3.67 -20.38 3.08
N LYS B 176 3.09 -21.50 3.52
CA LYS B 176 1.84 -21.48 4.30
C LYS B 176 2.00 -20.99 5.73
N TYR B 177 3.24 -20.97 6.22
CA TYR B 177 3.43 -20.66 7.63
C TYR B 177 4.13 -19.33 7.76
N LEU B 178 3.65 -18.52 8.70
CA LEU B 178 4.40 -17.37 9.18
C LEU B 178 5.77 -17.74 9.78
N PRO B 179 6.75 -16.83 9.68
CA PRO B 179 8.06 -17.11 10.27
C PRO B 179 7.99 -17.43 11.76
N SER B 180 7.09 -16.78 12.49
CA SER B 180 6.94 -17.12 13.91
C SER B 180 6.46 -18.55 14.19
N VAL B 181 5.68 -19.11 13.28
CA VAL B 181 5.20 -20.47 13.40
C VAL B 181 6.30 -21.47 13.05
N ILE B 182 7.06 -21.18 12.00
CA ILE B 182 8.14 -22.07 11.60
C ILE B 182 9.22 -22.12 12.69
N ALA B 183 9.52 -20.97 13.26
CA ALA B 183 10.52 -20.82 14.31
C ALA B 183 10.07 -21.62 15.54
N GLY B 184 8.77 -21.55 15.83
CA GLY B 184 8.10 -22.37 16.85
C GLY B 184 8.30 -23.87 16.72
N ALA B 185 7.99 -24.42 15.55
CA ALA B 185 8.15 -25.85 15.32
C ALA B 185 9.62 -26.24 15.30
N ALA B 186 10.46 -25.37 14.75
CA ALA B 186 11.90 -25.65 14.73
C ALA B 186 12.45 -25.71 16.15
N PHE B 187 11.95 -24.83 17.02
CA PHE B 187 12.42 -24.79 18.39
C PHE B 187 11.97 -26.05 19.13
N HIS B 188 10.68 -26.34 19.06
CA HIS B 188 10.18 -27.59 19.62
C HIS B 188 10.88 -28.83 19.11
N LEU B 189 10.91 -29.00 17.79
CA LEU B 189 11.61 -30.11 17.19
C LEU B 189 13.08 -30.30 17.62
N ALA B 190 13.82 -29.20 17.78
CA ALA B 190 15.21 -29.26 18.19
C ALA B 190 15.35 -29.60 19.71
N LEU B 191 14.58 -28.90 20.54
CA LEU B 191 14.45 -29.19 21.96
C LEU B 191 14.14 -30.68 22.15
N TYR B 192 13.06 -31.11 21.47
CA TYR B 192 12.63 -32.50 21.51
C TYR B 192 13.76 -33.47 21.15
N THR B 193 14.33 -33.27 19.98
CA THR B 193 15.34 -34.18 19.46
C THR B 193 16.55 -34.29 20.36
N VAL B 194 17.04 -33.16 20.88
CA VAL B 194 18.20 -33.18 21.78
C VAL B 194 17.96 -33.76 23.20
N THR B 195 16.79 -33.56 23.79
CA THR B 195 16.62 -33.75 25.23
C THR B 195 15.31 -34.50 25.58
N GLY B 196 14.34 -34.48 24.65
CA GLY B 196 13.03 -35.06 24.86
C GLY B 196 12.03 -34.10 25.49
N GLN B 197 12.51 -32.93 25.91
CA GLN B 197 11.60 -31.87 26.34
C GLN B 197 10.80 -31.25 25.19
N SER B 198 10.08 -30.18 25.50
CA SER B 198 8.90 -29.81 24.73
C SER B 198 8.55 -28.31 24.77
N TRP B 199 8.02 -27.79 23.67
CA TRP B 199 7.67 -26.37 23.58
C TRP B 199 7.12 -25.82 24.89
N PRO B 200 7.94 -25.07 25.64
CA PRO B 200 7.80 -24.71 27.05
C PRO B 200 6.63 -23.78 27.32
N GLU B 201 6.25 -23.66 28.58
CA GLU B 201 5.08 -22.87 28.94
C GLU B 201 5.32 -21.37 28.76
N SER B 202 6.48 -20.89 29.20
CA SER B 202 6.99 -19.57 28.83
C SER B 202 6.48 -19.06 27.48
N LEU B 203 6.67 -19.90 26.47
CA LEU B 203 6.57 -19.52 25.08
C LEU B 203 5.16 -19.72 24.56
N ILE B 204 4.46 -20.73 25.09
CA ILE B 204 3.01 -20.76 24.96
C ILE B 204 2.34 -19.48 25.43
N ARG B 205 2.76 -18.97 26.58
CA ARG B 205 2.14 -17.74 27.10
C ARG B 205 2.63 -16.54 26.29
N LYS B 206 3.92 -16.48 25.97
CA LYS B 206 4.42 -15.42 25.10
C LYS B 206 3.79 -15.39 23.70
N THR B 207 3.72 -16.52 23.01
CA THR B 207 3.39 -16.53 21.59
C THR B 207 1.90 -16.77 21.43
N GLY B 208 1.31 -17.31 22.48
CA GLY B 208 -0.09 -17.70 22.48
C GLY B 208 -0.19 -18.82 21.49
N TYR B 209 0.93 -19.52 21.30
CA TYR B 209 0.91 -20.72 20.46
C TYR B 209 0.95 -21.97 21.33
N THR B 210 -0.12 -22.74 21.37
CA THR B 210 -0.03 -24.02 22.08
C THR B 210 0.63 -25.08 21.21
N LEU B 211 1.18 -26.11 21.84
CA LEU B 211 1.82 -27.16 21.09
C LEU B 211 0.89 -27.62 20.00
N GLU B 212 -0.39 -27.75 20.32
CA GLU B 212 -1.40 -28.15 19.34
C GLU B 212 -1.45 -27.31 18.06
N SER B 213 -1.44 -25.99 18.21
CA SER B 213 -1.46 -25.11 17.04
C SER B 213 -0.22 -25.31 16.17
N LEU B 214 0.88 -25.79 16.74
CA LEU B 214 2.12 -25.96 15.99
C LEU B 214 2.10 -27.26 15.17
N LYS B 215 1.04 -28.03 15.35
CA LYS B 215 1.09 -29.44 14.98
C LYS B 215 1.17 -29.63 13.45
N PRO B 216 0.33 -28.91 12.69
CA PRO B 216 0.48 -28.94 11.24
C PRO B 216 1.89 -28.57 10.73
N CYS B 217 2.42 -27.41 11.09
CA CYS B 217 3.79 -27.07 10.71
C CYS B 217 4.88 -28.05 11.15
N LEU B 218 4.81 -28.46 12.42
CA LEU B 218 5.67 -29.51 12.99
C LEU B 218 5.65 -30.80 12.20
N MET B 219 4.48 -31.21 11.72
CA MET B 219 4.43 -32.45 10.93
C MET B 219 5.18 -32.33 9.62
N ASP B 220 5.05 -31.20 8.92
CA ASP B 220 5.77 -30.99 7.67
C ASP B 220 7.25 -30.90 7.98
N LEU B 221 7.58 -29.99 8.88
CA LEU B 221 8.96 -29.92 9.37
C LEU B 221 9.57 -31.26 9.76
N HIS B 222 8.83 -32.08 10.51
CA HIS B 222 9.33 -33.40 10.86
C HIS B 222 9.53 -34.29 9.65
N GLN B 223 8.65 -34.21 8.66
CA GLN B 223 8.97 -34.83 7.36
C GLN B 223 10.22 -34.28 6.67
N THR B 224 10.34 -32.97 6.58
CA THR B 224 11.54 -32.38 6.00
C THR B 224 12.80 -32.94 6.68
N TYR B 225 12.77 -33.04 8.01
CA TYR B 225 13.94 -33.45 8.78
C TYR B 225 14.31 -34.94 8.54
N LEU B 226 13.31 -35.82 8.48
CA LEU B 226 13.56 -37.23 8.11
C LEU B 226 14.17 -37.41 6.72
N LYS B 227 13.72 -36.60 5.77
CA LYS B 227 14.04 -36.80 4.34
C LYS B 227 15.24 -35.99 3.92
N ALA B 228 15.78 -35.20 4.85
CA ALA B 228 16.89 -34.30 4.56
C ALA B 228 18.07 -34.99 3.90
N PRO B 229 18.46 -36.17 4.40
CA PRO B 229 19.67 -36.72 3.79
C PRO B 229 19.48 -37.07 2.30
N GLN B 230 18.23 -37.10 1.85
CA GLN B 230 17.90 -37.52 0.49
C GLN B 230 17.66 -36.34 -0.44
N HIS B 231 17.42 -35.16 0.12
CA HIS B 231 16.75 -34.10 -0.63
C HIS B 231 17.71 -33.76 -1.78
N ALA B 232 17.17 -33.41 -2.94
CA ALA B 232 17.98 -32.94 -4.07
C ALA B 232 19.07 -31.93 -3.71
N GLN B 233 18.81 -31.11 -2.69
CA GLN B 233 19.70 -30.02 -2.28
C GLN B 233 20.33 -30.28 -0.90
N GLN B 234 21.65 -30.15 -0.80
CA GLN B 234 22.40 -30.73 0.31
C GLN B 234 23.24 -29.65 1.00
N SER B 235 23.08 -28.41 0.54
CA SER B 235 23.94 -27.33 1.00
C SER B 235 23.83 -27.03 2.50
N ILE B 236 22.60 -27.01 3.01
CA ILE B 236 22.41 -26.63 4.39
C ILE B 236 22.98 -27.73 5.31
N ARG B 237 22.78 -29.00 4.95
CA ARG B 237 23.37 -30.13 5.68
C ARG B 237 24.88 -30.01 5.68
N GLU B 238 25.47 -29.70 4.53
CA GLU B 238 26.93 -29.74 4.46
C GLU B 238 27.43 -28.65 5.37
N LYS B 239 26.76 -27.50 5.34
CA LYS B 239 27.02 -26.36 6.23
C LYS B 239 26.96 -26.76 7.71
N TYR B 240 25.88 -27.42 8.08
CA TYR B 240 25.59 -27.65 9.47
C TYR B 240 26.33 -28.89 10.00
N LYS B 241 27.36 -29.31 9.28
CA LYS B 241 28.26 -30.35 9.77
C LYS B 241 29.42 -29.77 10.59
N ASN B 242 29.59 -28.45 10.55
CA ASN B 242 30.77 -27.80 11.07
C ASN B 242 30.82 -27.94 12.58
N SER B 243 32.02 -27.93 13.17
CA SER B 243 32.09 -27.96 14.62
C SER B 243 31.45 -26.70 15.13
N LYS B 244 31.37 -25.70 14.26
CA LYS B 244 30.82 -24.42 14.65
C LYS B 244 29.36 -24.63 14.98
N TYR B 245 28.81 -25.76 14.54
CA TYR B 245 27.37 -25.97 14.67
C TYR B 245 27.08 -27.24 15.46
N HIS B 246 28.11 -27.74 16.14
CA HIS B 246 28.08 -29.03 16.83
C HIS B 246 27.58 -30.22 16.00
N GLY B 247 28.00 -30.27 14.73
CA GLY B 247 27.50 -31.24 13.75
C GLY B 247 26.08 -31.73 13.93
N VAL B 248 25.16 -30.84 14.32
CA VAL B 248 23.79 -31.23 14.59
C VAL B 248 23.16 -31.98 13.42
N SER B 249 23.59 -31.70 12.19
CA SER B 249 22.96 -32.35 11.04
C SER B 249 23.48 -33.77 10.84
N LEU B 250 24.41 -34.19 11.70
CA LEU B 250 24.77 -35.59 11.87
C LEU B 250 23.88 -36.38 12.84
N LEU B 251 23.41 -35.71 13.89
CA LEU B 251 22.38 -36.19 14.82
C LEU B 251 21.22 -36.95 14.19
N ASN B 252 20.55 -37.76 15.01
CA ASN B 252 19.51 -38.62 14.48
C ASN B 252 18.11 -38.06 14.70
N PRO B 253 17.38 -37.79 13.61
CA PRO B 253 15.98 -37.36 13.73
C PRO B 253 15.25 -38.38 14.56
N PRO B 254 14.30 -37.95 15.41
CA PRO B 254 13.37 -38.88 16.01
C PRO B 254 12.35 -39.34 15.00
N GLU B 255 12.02 -40.62 15.01
CA GLU B 255 11.05 -41.16 14.07
C GLU B 255 9.60 -40.92 14.42
N THR B 256 9.31 -40.61 15.68
CA THR B 256 7.95 -40.23 16.08
C THR B 256 7.99 -39.07 17.07
N LEU B 257 6.83 -38.50 17.39
CA LEU B 257 6.82 -37.15 17.93
C LEU B 257 5.97 -37.06 19.17
N ASN B 258 5.22 -38.11 19.47
CA ASN B 258 4.39 -38.09 20.66
C ASN B 258 3.31 -37.05 20.51
N LEU B 259 2.81 -36.88 19.29
CA LEU B 259 2.03 -35.70 19.01
C LEU B 259 0.54 -36.01 18.92
N MET C 1 10.68 3.45 -17.49
CA MET C 1 10.78 3.11 -18.96
C MET C 1 12.08 2.56 -19.56
N GLU C 2 13.22 2.79 -18.92
CA GLU C 2 14.51 2.33 -19.40
C GLU C 2 14.60 0.80 -19.35
N ASN C 3 13.72 0.16 -18.58
CA ASN C 3 13.83 -1.29 -18.40
C ASN C 3 13.06 -2.04 -19.45
N PHE C 4 12.36 -1.31 -20.30
CA PHE C 4 11.53 -1.93 -21.32
C PHE C 4 12.09 -1.74 -22.73
N GLN C 5 11.98 -2.80 -23.52
CA GLN C 5 12.37 -2.79 -24.93
C GLN C 5 11.12 -2.88 -25.85
N LYS C 6 10.85 -1.83 -26.61
CA LYS C 6 9.75 -1.84 -27.59
C LYS C 6 9.98 -2.86 -28.71
N VAL C 7 9.04 -3.79 -28.88
CA VAL C 7 9.17 -4.83 -29.91
C VAL C 7 8.42 -4.51 -31.21
N GLU C 8 7.11 -4.27 -31.11
CA GLU C 8 6.31 -3.96 -32.28
C GLU C 8 5.02 -3.30 -31.83
N LYS C 9 4.55 -2.32 -32.60
CA LYS C 9 3.22 -1.75 -32.45
C LYS C 9 2.12 -2.81 -32.60
N ILE C 10 1.20 -2.91 -31.64
CA ILE C 10 0.07 -3.81 -31.82
C ILE C 10 -1.23 -3.08 -32.02
N GLY C 11 -1.18 -1.75 -32.06
CA GLY C 11 -2.33 -0.96 -32.51
C GLY C 11 -2.61 0.29 -31.69
N GLU C 12 -3.67 0.99 -32.05
CA GLU C 12 -4.35 1.90 -31.15
C GLU C 12 -5.52 1.15 -30.52
N GLY C 13 -5.89 1.55 -29.31
CA GLY C 13 -7.20 1.21 -28.77
C GLY C 13 -7.56 2.16 -27.64
N THR C 14 -8.37 3.17 -27.96
CA THR C 14 -8.53 4.40 -27.17
C THR C 14 -7.25 5.24 -26.86
N TYR C 15 -6.73 5.90 -27.88
CA TYR C 15 -5.67 6.92 -27.72
C TYR C 15 -4.33 6.43 -27.22
N GLY C 16 -3.28 6.96 -27.83
CA GLY C 16 -1.95 6.38 -27.72
C GLY C 16 -1.84 5.02 -28.39
N VAL C 17 -0.68 4.76 -28.98
CA VAL C 17 -0.34 3.43 -29.47
C VAL C 17 -0.20 2.38 -28.37
N VAL C 18 -0.37 1.12 -28.73
CA VAL C 18 -0.06 0.04 -27.82
C VAL C 18 1.11 -0.76 -28.38
N TYR C 19 2.17 -0.88 -27.60
CA TYR C 19 3.37 -1.66 -27.97
C TYR C 19 3.47 -2.98 -27.21
N LYS C 20 3.96 -4.01 -27.90
CA LYS C 20 4.41 -5.20 -27.21
C LYS C 20 5.86 -4.93 -26.86
N ALA C 21 6.30 -5.30 -25.65
CA ALA C 21 7.63 -4.96 -25.21
C ALA C 21 8.06 -6.03 -24.21
N ARG C 22 9.36 -6.17 -23.98
CA ARG C 22 9.85 -7.02 -22.90
C ARG C 22 10.63 -6.23 -21.87
N ASN C 23 10.48 -6.67 -20.62
CA ASN C 23 11.29 -6.26 -19.49
C ASN C 23 12.69 -6.81 -19.68
N LYS C 24 13.66 -5.91 -19.87
CA LYS C 24 15.06 -6.33 -20.04
C LYS C 24 15.63 -7.04 -18.81
N LEU C 25 15.11 -6.72 -17.62
CA LEU C 25 15.71 -7.23 -16.40
C LEU C 25 15.14 -8.60 -16.06
N THR C 26 13.84 -8.77 -16.23
CA THR C 26 13.22 -10.03 -15.84
C THR C 26 12.77 -10.86 -17.01
N GLY C 27 12.55 -10.24 -18.17
CA GLY C 27 12.18 -11.01 -19.35
C GLY C 27 10.69 -11.10 -19.63
N GLU C 28 9.87 -10.60 -18.71
CA GLU C 28 8.43 -10.58 -18.93
C GLU C 28 8.04 -9.78 -20.18
N VAL C 29 7.18 -10.35 -21.01
CA VAL C 29 6.57 -9.66 -22.14
C VAL C 29 5.31 -8.91 -21.75
N VAL C 30 5.21 -7.64 -22.11
CA VAL C 30 4.10 -6.86 -21.64
C VAL C 30 3.48 -6.11 -22.81
N ALA C 31 2.35 -5.44 -22.54
CA ALA C 31 1.76 -4.53 -23.51
C ALA C 31 1.81 -3.11 -22.96
N LEU C 32 2.41 -2.18 -23.71
CA LEU C 32 2.62 -0.84 -23.18
C LEU C 32 1.64 0.09 -23.87
N LYS C 33 0.68 0.63 -23.12
CA LYS C 33 -0.29 1.55 -23.70
C LYS C 33 0.26 2.92 -23.39
N LYS C 34 0.57 3.69 -24.42
CA LYS C 34 1.30 4.94 -24.28
C LYS C 34 0.39 6.12 -24.60
N ILE C 35 -0.06 6.83 -23.57
CA ILE C 35 -0.62 8.18 -23.70
C ILE C 35 0.48 9.23 -23.65
N ARG C 36 0.38 10.24 -24.51
CA ARG C 36 1.16 11.48 -24.37
C ARG C 36 0.37 12.61 -23.68
N LEU C 37 1.00 13.24 -22.71
CA LEU C 37 0.39 14.38 -22.02
C LEU C 37 1.11 15.69 -22.37
N ASP C 38 0.98 16.15 -23.62
CA ASP C 38 1.37 17.54 -23.88
C ASP C 38 0.76 18.52 -22.85
N THR C 39 1.38 18.64 -21.68
CA THR C 39 0.85 19.38 -20.51
C THR C 39 0.19 20.76 -20.80
N GLU C 40 -0.71 20.73 -21.79
CA GLU C 40 -1.19 21.92 -22.50
C GLU C 40 -2.66 21.69 -22.90
N THR C 41 -2.96 20.47 -23.36
CA THR C 41 -4.33 20.08 -23.72
C THR C 41 -5.23 19.99 -22.49
N GLU C 42 -5.52 18.76 -22.08
CA GLU C 42 -6.64 18.50 -21.18
C GLU C 42 -6.28 17.66 -19.95
N GLY C 43 -5.00 17.30 -19.82
CA GLY C 43 -4.57 16.49 -18.67
C GLY C 43 -4.55 15.00 -18.93
N VAL C 44 -4.53 14.20 -17.88
CA VAL C 44 -4.73 12.77 -18.06
C VAL C 44 -6.14 12.54 -18.61
N PRO C 45 -6.28 11.85 -19.76
CA PRO C 45 -7.64 11.63 -20.27
C PRO C 45 -8.55 10.77 -19.36
N SER C 46 -9.86 10.92 -19.47
CA SER C 46 -10.75 10.23 -18.58
C SER C 46 -10.80 8.74 -18.90
N THR C 47 -10.56 8.38 -20.15
CA THR C 47 -10.39 6.97 -20.46
C THR C 47 -9.27 6.32 -19.64
N ALA C 48 -8.22 7.08 -19.31
CA ALA C 48 -7.12 6.49 -18.58
C ALA C 48 -7.35 6.52 -17.06
N ILE C 49 -7.86 7.65 -16.59
CA ILE C 49 -8.50 7.74 -15.30
C ILE C 49 -9.34 6.49 -14.97
N ARG C 50 -10.31 6.22 -15.84
CA ARG C 50 -11.25 5.16 -15.54
C ARG C 50 -10.64 3.76 -15.62
N GLU C 51 -9.92 3.48 -16.71
CA GLU C 51 -9.28 2.17 -16.84
C GLU C 51 -8.30 1.85 -15.70
N ILE C 52 -7.54 2.83 -15.21
CA ILE C 52 -6.51 2.56 -14.24
C ILE C 52 -7.14 2.31 -12.87
N SER C 53 -8.08 3.17 -12.49
CA SER C 53 -8.73 3.08 -11.18
C SER C 53 -9.64 1.89 -11.11
N LEU C 54 -10.42 1.66 -12.15
CA LEU C 54 -11.25 0.45 -12.19
C LEU C 54 -10.42 -0.82 -12.27
N LEU C 55 -9.46 -0.81 -13.17
CA LEU C 55 -8.76 -2.04 -13.50
C LEU C 55 -7.88 -2.48 -12.33
N LYS C 56 -7.52 -1.53 -11.47
CA LYS C 56 -6.69 -1.95 -10.36
C LYS C 56 -7.45 -2.45 -9.15
N GLU C 57 -8.76 -2.26 -9.08
CA GLU C 57 -9.61 -3.01 -8.17
C GLU C 57 -9.93 -4.43 -8.67
N LEU C 58 -9.85 -4.64 -9.97
CA LEU C 58 -10.21 -5.95 -10.54
C LEU C 58 -9.03 -6.92 -10.69
N ASN C 59 -8.94 -7.84 -9.75
CA ASN C 59 -8.01 -8.95 -9.86
C ASN C 59 -8.73 -10.28 -10.14
N HIS C 60 -8.67 -10.76 -11.38
CA HIS C 60 -9.43 -11.93 -11.80
C HIS C 60 -8.79 -12.56 -13.02
N PRO C 61 -8.78 -13.88 -13.08
CA PRO C 61 -8.15 -14.58 -14.21
C PRO C 61 -8.66 -14.17 -15.60
N ASN C 62 -9.86 -13.59 -15.66
CA ASN C 62 -10.52 -13.31 -16.94
C ASN C 62 -10.63 -11.83 -17.27
N ILE C 63 -9.81 -11.03 -16.60
CA ILE C 63 -9.70 -9.59 -16.79
C ILE C 63 -8.21 -9.29 -16.90
N VAL C 64 -7.77 -8.68 -18.01
CA VAL C 64 -6.33 -8.43 -18.22
C VAL C 64 -5.77 -7.73 -16.99
N LYS C 65 -4.50 -8.03 -16.71
CA LYS C 65 -3.86 -7.60 -15.48
C LYS C 65 -3.12 -6.32 -15.83
N LEU C 66 -3.45 -5.23 -15.14
CA LEU C 66 -2.64 -4.02 -15.23
C LEU C 66 -1.45 -4.25 -14.30
N LEU C 67 -0.28 -4.51 -14.86
CA LEU C 67 0.92 -4.66 -14.05
C LEU C 67 1.44 -3.39 -13.41
N ASP C 68 1.37 -2.27 -14.11
CA ASP C 68 2.02 -1.06 -13.58
C ASP C 68 1.57 0.18 -14.32
N VAL C 69 1.77 1.33 -13.69
CA VAL C 69 1.49 2.60 -14.35
C VAL C 69 2.74 3.46 -14.22
N ILE C 70 3.26 3.93 -15.33
CA ILE C 70 4.50 4.68 -15.25
C ILE C 70 4.34 6.12 -15.68
N HIS C 71 4.97 7.00 -14.92
CA HIS C 71 4.31 8.23 -14.52
C HIS C 71 5.21 9.42 -14.78
N THR C 72 5.88 9.50 -15.93
CA THR C 72 6.74 10.65 -16.22
C THR C 72 5.94 11.98 -16.29
N GLU C 73 6.63 13.10 -16.46
CA GLU C 73 5.94 14.37 -16.61
C GLU C 73 5.21 14.65 -17.94
N ASN C 74 5.67 14.07 -19.05
CA ASN C 74 4.94 14.19 -20.33
C ASN C 74 4.38 12.93 -21.00
N LYS C 75 4.59 11.77 -20.39
CA LYS C 75 3.94 10.56 -20.86
C LYS C 75 3.38 9.75 -19.69
N LEU C 76 2.38 8.93 -19.98
CA LEU C 76 1.81 8.03 -18.99
C LEU C 76 1.77 6.65 -19.64
N TYR C 77 2.39 5.65 -19.03
CA TYR C 77 2.37 4.33 -19.65
C TYR C 77 1.60 3.41 -18.73
N LEU C 78 0.64 2.70 -19.34
CA LEU C 78 -0.07 1.66 -18.63
C LEU C 78 0.62 0.42 -19.13
N VAL C 79 0.96 -0.47 -18.20
CA VAL C 79 1.67 -1.68 -18.50
C VAL C 79 0.83 -2.91 -18.17
N PHE C 80 0.49 -3.68 -19.19
CA PHE C 80 -0.37 -4.84 -19.03
C PHE C 80 0.41 -6.13 -19.26
N GLU C 81 -0.15 -7.26 -18.82
CA GLU C 81 0.30 -8.57 -19.26
C GLU C 81 0.10 -8.75 -20.77
N PHE C 82 1.03 -9.41 -21.45
CA PHE C 82 0.87 -9.62 -22.87
C PHE C 82 -0.01 -10.82 -23.17
N LEU C 83 -0.98 -10.64 -24.04
CA LEU C 83 -1.66 -11.78 -24.62
C LEU C 83 -1.54 -11.72 -26.13
N HIS C 84 -1.54 -12.91 -26.73
CA HIS C 84 -0.98 -13.21 -28.04
C HIS C 84 -1.70 -12.44 -29.16
N GLN C 85 -3.03 -12.38 -29.09
CA GLN C 85 -3.84 -11.56 -29.97
C GLN C 85 -5.26 -11.42 -29.41
N ASP C 86 -6.07 -10.66 -30.13
CA ASP C 86 -7.46 -10.52 -29.79
C ASP C 86 -8.36 -11.52 -30.53
N LEU C 87 -9.64 -11.58 -30.13
CA LEU C 87 -10.62 -12.51 -30.69
C LEU C 87 -10.99 -12.20 -32.13
N LYS C 88 -11.08 -10.92 -32.50
CA LYS C 88 -11.32 -10.56 -33.90
C LYS C 88 -10.39 -11.28 -34.90
N LYS C 89 -9.09 -11.32 -34.60
CA LYS C 89 -8.10 -11.85 -35.54
C LYS C 89 -8.34 -13.35 -35.57
N PHE C 90 -8.78 -13.89 -34.44
CA PHE C 90 -8.87 -15.33 -34.35
C PHE C 90 -10.13 -15.81 -35.00
N MET C 91 -11.16 -14.97 -34.99
CA MET C 91 -12.38 -15.24 -35.75
C MET C 91 -12.14 -15.23 -37.27
N ASP C 92 -11.40 -14.23 -37.72
CA ASP C 92 -11.26 -14.00 -39.15
C ASP C 92 -10.38 -15.09 -39.73
N ALA C 93 -9.37 -15.48 -38.96
CA ALA C 93 -8.49 -16.58 -39.33
C ALA C 93 -9.14 -17.93 -39.11
N SER C 94 -10.33 -17.94 -38.51
CA SER C 94 -10.99 -19.20 -38.26
C SER C 94 -12.20 -19.30 -39.17
N ALA C 95 -12.63 -18.15 -39.72
CA ALA C 95 -13.68 -18.11 -40.74
C ALA C 95 -13.48 -19.21 -41.79
N LEU C 96 -14.56 -19.81 -42.27
CA LEU C 96 -14.42 -20.86 -43.27
C LEU C 96 -14.04 -22.22 -42.64
N THR C 97 -13.52 -22.19 -41.43
CA THR C 97 -13.25 -23.42 -40.70
C THR C 97 -14.18 -23.51 -39.50
N GLY C 98 -14.55 -22.35 -38.96
CA GLY C 98 -15.41 -22.23 -37.78
C GLY C 98 -14.57 -22.50 -36.55
N ILE C 99 -14.83 -21.80 -35.44
CA ILE C 99 -14.17 -22.08 -34.15
C ILE C 99 -14.81 -23.32 -33.56
N PRO C 100 -14.01 -24.33 -33.20
CA PRO C 100 -14.66 -25.54 -32.74
C PRO C 100 -15.60 -25.23 -31.58
N LEU C 101 -16.72 -25.94 -31.48
CA LEU C 101 -17.75 -25.55 -30.51
C LEU C 101 -17.31 -25.62 -29.04
N PRO C 102 -16.41 -26.56 -28.68
CA PRO C 102 -15.92 -26.62 -27.31
C PRO C 102 -15.13 -25.39 -26.88
N LEU C 103 -14.39 -24.79 -27.81
CA LEU C 103 -13.73 -23.50 -27.58
C LEU C 103 -14.67 -22.31 -27.46
N ILE C 104 -15.71 -22.25 -28.29
CA ILE C 104 -16.76 -21.27 -28.10
C ILE C 104 -17.35 -21.30 -26.68
N LYS C 105 -17.72 -22.48 -26.20
CA LYS C 105 -18.26 -22.64 -24.86
C LYS C 105 -17.26 -22.33 -23.74
N SER C 106 -16.01 -22.75 -23.88
CA SER C 106 -14.97 -22.25 -22.99
C SER C 106 -14.81 -20.72 -22.95
N TYR C 107 -14.64 -20.12 -24.13
CA TYR C 107 -14.48 -18.67 -24.21
C TYR C 107 -15.59 -17.92 -23.50
N LEU C 108 -16.82 -18.32 -23.77
CA LEU C 108 -18.01 -17.74 -23.16
C LEU C 108 -18.13 -17.98 -21.63
N PHE C 109 -17.87 -19.19 -21.16
CA PHE C 109 -17.83 -19.51 -19.74
C PHE C 109 -16.90 -18.56 -19.02
N GLN C 110 -15.70 -18.39 -19.57
CA GLN C 110 -14.69 -17.45 -19.05
C GLN C 110 -15.07 -15.99 -19.12
N LEU C 111 -15.43 -15.53 -20.31
CA LEU C 111 -16.02 -14.21 -20.40
C LEU C 111 -17.10 -13.97 -19.31
N LEU C 112 -17.95 -14.95 -19.03
CA LEU C 112 -19.07 -14.68 -18.13
C LEU C 112 -18.53 -14.69 -16.70
N GLN C 113 -17.41 -15.34 -16.50
CA GLN C 113 -16.78 -15.25 -15.20
C GLN C 113 -16.12 -13.90 -15.02
N GLY C 114 -15.43 -13.43 -16.05
CA GLY C 114 -14.88 -12.08 -15.94
C GLY C 114 -15.95 -11.02 -15.77
N LEU C 115 -17.04 -11.13 -16.52
CA LEU C 115 -18.20 -10.26 -16.37
C LEU C 115 -18.82 -10.30 -14.97
N ALA C 116 -19.14 -11.49 -14.47
CA ALA C 116 -19.77 -11.60 -13.16
C ALA C 116 -18.88 -10.97 -12.10
N PHE C 117 -17.57 -11.11 -12.26
CA PHE C 117 -16.67 -10.36 -11.40
C PHE C 117 -16.80 -8.82 -11.53
N CYS C 118 -16.83 -8.28 -12.74
CA CYS C 118 -17.00 -6.83 -12.91
C CYS C 118 -18.29 -6.36 -12.21
N HIS C 119 -19.37 -7.11 -12.41
CA HIS C 119 -20.65 -6.53 -12.06
C HIS C 119 -20.85 -6.59 -10.56
N SER C 120 -20.32 -7.64 -9.96
CA SER C 120 -20.40 -7.76 -8.51
C SER C 120 -19.42 -6.78 -7.86
N HIS C 121 -18.59 -6.10 -8.64
CA HIS C 121 -17.69 -5.10 -8.10
C HIS C 121 -18.08 -3.72 -8.63
N ARG C 122 -19.36 -3.61 -8.92
CA ARG C 122 -19.95 -2.41 -9.50
C ARG C 122 -19.20 -1.82 -10.68
N VAL C 123 -18.67 -2.67 -11.56
CA VAL C 123 -18.10 -2.18 -12.79
C VAL C 123 -18.84 -2.59 -14.03
N LEU C 124 -19.17 -1.61 -14.86
CA LEU C 124 -19.92 -1.78 -16.12
C LEU C 124 -18.85 -1.62 -17.20
N HIS C 125 -18.56 -2.67 -17.97
CA HIS C 125 -17.65 -2.51 -19.10
C HIS C 125 -18.12 -1.59 -20.27
N ARG C 126 -19.37 -1.74 -20.71
CA ARG C 126 -19.98 -0.93 -21.77
C ARG C 126 -19.45 -1.12 -23.20
N ASP C 127 -18.29 -1.75 -23.39
CA ASP C 127 -17.75 -1.88 -24.75
C ASP C 127 -17.32 -3.27 -25.17
N LEU C 128 -18.14 -4.29 -24.91
CA LEU C 128 -17.65 -5.62 -25.18
C LEU C 128 -17.74 -5.93 -26.67
N LYS C 129 -16.63 -6.29 -27.29
CA LYS C 129 -16.62 -6.58 -28.71
C LYS C 129 -15.34 -7.29 -28.92
N PRO C 130 -15.28 -8.08 -29.99
CA PRO C 130 -14.24 -9.04 -30.27
C PRO C 130 -12.86 -8.37 -30.21
N GLN C 131 -12.70 -7.15 -30.71
CA GLN C 131 -11.41 -6.43 -30.57
C GLN C 131 -10.89 -6.25 -29.14
N ASN C 132 -11.78 -6.13 -28.17
CA ASN C 132 -11.41 -5.86 -26.78
C ASN C 132 -11.30 -7.16 -25.95
N LEU C 133 -11.42 -8.31 -26.60
CA LEU C 133 -11.32 -9.59 -25.90
C LEU C 133 -10.05 -10.35 -26.29
N LEU C 134 -9.16 -10.65 -25.35
CA LEU C 134 -7.82 -11.13 -25.70
C LEU C 134 -7.63 -12.63 -25.42
N ILE C 135 -6.94 -13.34 -26.30
CA ILE C 135 -6.72 -14.75 -26.07
C ILE C 135 -5.24 -15.10 -26.01
N ASN C 136 -4.85 -16.06 -25.19
CA ASN C 136 -3.47 -16.49 -25.16
C ASN C 136 -3.40 -17.92 -25.66
N THR C 137 -2.20 -18.48 -25.72
CA THR C 137 -2.02 -19.76 -26.40
C THR C 137 -2.46 -20.95 -25.51
N GLU C 138 -2.66 -20.69 -24.22
CA GLU C 138 -3.08 -21.71 -23.24
C GLU C 138 -4.59 -21.93 -23.22
N GLY C 139 -5.37 -21.11 -23.92
CA GLY C 139 -6.82 -21.30 -23.92
C GLY C 139 -7.62 -20.36 -23.01
N ALA C 140 -6.93 -19.41 -22.40
CA ALA C 140 -7.59 -18.35 -21.62
C ALA C 140 -8.14 -17.23 -22.52
N ILE C 141 -9.24 -16.63 -22.07
CA ILE C 141 -9.72 -15.40 -22.69
C ILE C 141 -10.07 -14.39 -21.59
N LYS C 142 -9.81 -13.11 -21.87
CA LYS C 142 -9.83 -12.02 -20.89
C LYS C 142 -10.42 -10.75 -21.45
N LEU C 143 -11.28 -10.13 -20.63
CA LEU C 143 -11.76 -8.78 -20.87
C LEU C 143 -10.64 -7.75 -20.90
N ALA C 144 -10.76 -6.79 -21.81
CA ALA C 144 -9.82 -5.67 -21.91
C ALA C 144 -10.36 -4.32 -22.37
N ASP C 145 -9.48 -3.33 -22.38
CA ASP C 145 -9.89 -1.98 -22.67
C ASP C 145 -11.03 -1.48 -21.80
N PHE C 146 -10.69 -1.15 -20.56
CA PHE C 146 -11.67 -0.59 -19.65
C PHE C 146 -11.78 0.93 -19.74
N GLY C 147 -11.35 1.44 -20.90
CA GLY C 147 -11.48 2.85 -21.20
C GLY C 147 -12.88 3.43 -21.02
N LEU C 148 -13.92 2.69 -21.40
CA LEU C 148 -15.24 3.29 -21.35
C LEU C 148 -15.99 2.69 -20.20
N ALA C 149 -15.32 1.84 -19.42
CA ALA C 149 -15.93 1.31 -18.19
C ALA C 149 -16.39 2.35 -17.15
N ARG C 150 -17.44 2.04 -16.41
CA ARG C 150 -17.97 2.97 -15.44
C ARG C 150 -18.31 2.27 -14.14
N ALA C 151 -18.02 2.95 -13.04
CA ALA C 151 -18.40 2.45 -11.74
C ALA C 151 -19.87 2.82 -11.58
N PHE C 152 -20.71 1.87 -11.19
CA PHE C 152 -22.15 2.17 -11.06
C PHE C 152 -22.73 2.07 -9.63
N GLY C 153 -21.96 2.50 -8.65
CA GLY C 153 -22.51 2.74 -7.32
C GLY C 153 -23.67 3.71 -7.41
N VAL C 154 -23.64 4.56 -8.44
CA VAL C 154 -24.75 5.44 -8.74
C VAL C 154 -25.09 5.12 -10.18
N PRO C 155 -26.39 5.01 -10.54
CA PRO C 155 -26.73 4.65 -11.92
C PRO C 155 -26.02 5.46 -12.99
N VAL C 156 -25.54 4.77 -14.02
CA VAL C 156 -24.74 5.40 -15.04
C VAL C 156 -25.66 5.97 -16.15
N ARG C 157 -25.57 7.27 -16.44
CA ARG C 157 -26.51 7.92 -17.37
C ARG C 157 -26.15 7.70 -18.84
N THR C 158 -27.16 7.47 -19.66
CA THR C 158 -26.93 7.26 -21.08
C THR C 158 -26.26 8.42 -21.77
N TYR C 159 -25.15 8.07 -22.41
CA TYR C 159 -24.37 8.98 -23.23
C TYR C 159 -25.28 9.62 -24.26
N THR C 160 -25.73 10.84 -23.97
CA THR C 160 -26.43 11.63 -24.97
C THR C 160 -25.71 11.46 -26.31
N HIS C 161 -25.66 10.23 -26.82
CA HIS C 161 -25.32 9.98 -28.21
C HIS C 161 -23.86 10.25 -28.53
N GLU C 162 -23.12 9.16 -28.71
CA GLU C 162 -21.76 9.09 -28.16
C GLU C 162 -21.00 8.01 -28.91
N VAL C 163 -19.77 7.78 -28.46
CA VAL C 163 -18.81 6.96 -29.19
C VAL C 163 -18.71 5.65 -28.45
N VAL C 164 -19.69 4.80 -28.71
CA VAL C 164 -19.85 3.47 -28.10
C VAL C 164 -20.13 2.55 -29.28
N THR C 165 -19.83 1.25 -29.16
CA THR C 165 -19.96 0.33 -30.29
C THR C 165 -21.41 0.24 -30.75
N LEU C 166 -21.61 0.07 -32.07
CA LEU C 166 -22.97 -0.06 -32.64
C LEU C 166 -23.55 -1.48 -32.71
N TRP C 167 -22.75 -2.39 -33.26
CA TRP C 167 -23.07 -3.79 -33.54
C TRP C 167 -23.42 -4.56 -32.28
N TYR C 168 -22.85 -4.10 -31.17
CA TYR C 168 -23.00 -4.79 -29.90
C TYR C 168 -23.82 -4.03 -28.86
N ARG C 169 -24.53 -3.01 -29.32
CA ARG C 169 -25.32 -2.11 -28.47
C ARG C 169 -26.67 -2.70 -28.17
N ALA C 170 -27.12 -2.51 -26.94
CA ALA C 170 -28.30 -3.21 -26.45
C ALA C 170 -29.53 -2.43 -26.92
N PRO C 171 -30.67 -3.14 -27.07
CA PRO C 171 -31.84 -2.53 -27.71
C PRO C 171 -32.44 -1.38 -26.88
N GLU C 172 -32.32 -1.44 -25.56
CA GLU C 172 -32.93 -0.43 -24.67
C GLU C 172 -32.10 0.85 -24.77
N ILE C 173 -30.80 0.69 -24.99
CA ILE C 173 -30.01 1.83 -25.37
C ILE C 173 -30.37 2.49 -26.72
N LEU C 174 -30.55 1.73 -27.79
CA LEU C 174 -31.03 2.30 -29.04
C LEU C 174 -32.40 2.95 -28.92
N LEU C 175 -33.22 2.44 -28.00
CA LEU C 175 -34.59 2.91 -27.93
C LEU C 175 -34.69 4.16 -27.06
N GLY C 176 -33.54 4.71 -26.68
CA GLY C 176 -33.52 5.97 -25.92
C GLY C 176 -33.52 5.89 -24.41
N CYS C 177 -33.32 4.71 -23.83
CA CYS C 177 -33.09 4.61 -22.38
C CYS C 177 -32.17 5.61 -21.69
N LYS C 178 -32.58 6.05 -20.50
CA LYS C 178 -31.88 7.06 -19.71
C LYS C 178 -30.67 6.51 -18.91
N TYR C 179 -30.72 5.22 -18.55
CA TYR C 179 -29.58 4.54 -17.92
C TYR C 179 -28.99 3.24 -18.50
N TYR C 180 -27.69 3.08 -18.34
CA TYR C 180 -27.07 1.78 -18.56
C TYR C 180 -27.45 0.84 -17.39
N SER C 181 -27.47 -0.48 -17.63
CA SER C 181 -27.36 -1.46 -16.55
C SER C 181 -26.47 -2.59 -17.01
N THR C 182 -26.28 -3.56 -16.13
CA THR C 182 -25.38 -4.67 -16.37
C THR C 182 -25.93 -5.54 -17.50
N ALA C 183 -27.23 -5.47 -17.72
CA ALA C 183 -27.86 -6.10 -18.86
C ALA C 183 -27.25 -5.76 -20.24
N VAL C 184 -26.66 -4.58 -20.41
CA VAL C 184 -26.08 -4.18 -21.71
C VAL C 184 -24.84 -5.01 -22.03
N ASP C 185 -24.09 -5.38 -20.98
CA ASP C 185 -22.84 -6.15 -21.09
C ASP C 185 -23.14 -7.58 -21.55
N ILE C 186 -24.28 -8.09 -21.12
CA ILE C 186 -24.69 -9.45 -21.42
C ILE C 186 -25.32 -9.50 -22.82
N TRP C 187 -25.97 -8.42 -23.25
CA TRP C 187 -26.33 -8.27 -24.66
C TRP C 187 -25.14 -8.34 -25.60
N SER C 188 -24.08 -7.60 -25.27
CA SER C 188 -22.88 -7.64 -26.12
C SER C 188 -22.32 -9.05 -26.22
N LEU C 189 -22.25 -9.74 -25.07
CA LEU C 189 -21.67 -11.06 -25.03
C LEU C 189 -22.54 -12.06 -25.78
N GLY C 190 -23.86 -11.92 -25.66
CA GLY C 190 -24.78 -12.68 -26.51
C GLY C 190 -24.49 -12.53 -28.01
N CYS C 191 -24.22 -11.31 -28.48
CA CYS C 191 -23.95 -11.05 -29.90
C CYS C 191 -22.65 -11.70 -30.27
N ILE C 192 -21.70 -11.59 -29.34
CA ILE C 192 -20.33 -12.04 -29.56
C ILE C 192 -20.34 -13.55 -29.62
N PHE C 193 -21.27 -14.13 -28.87
CA PHE C 193 -21.43 -15.57 -28.80
C PHE C 193 -22.02 -16.04 -30.14
N ALA C 194 -23.07 -15.36 -30.58
CA ALA C 194 -23.68 -15.69 -31.87
C ALA C 194 -22.67 -15.56 -32.99
N GLU C 195 -21.76 -14.61 -32.87
CA GLU C 195 -20.77 -14.35 -33.89
C GLU C 195 -19.73 -15.46 -33.99
N MET C 196 -19.28 -15.96 -32.85
CA MET C 196 -18.30 -17.04 -32.85
C MET C 196 -18.97 -18.22 -33.54
N VAL C 197 -20.27 -18.33 -33.36
CA VAL C 197 -20.98 -19.52 -33.81
C VAL C 197 -21.36 -19.47 -35.29
N THR C 198 -22.07 -18.45 -35.74
CA THR C 198 -22.45 -18.33 -37.15
C THR C 198 -21.27 -17.90 -37.97
N ARG C 199 -20.31 -17.26 -37.31
CA ARG C 199 -19.10 -16.85 -38.00
C ARG C 199 -19.23 -15.49 -38.70
N ARG C 200 -20.30 -14.75 -38.42
CA ARG C 200 -20.30 -13.35 -38.78
C ARG C 200 -21.14 -12.55 -37.79
N ALA C 201 -20.89 -11.24 -37.76
CA ALA C 201 -21.62 -10.35 -36.88
C ALA C 201 -23.12 -10.60 -36.97
N LEU C 202 -23.76 -10.81 -35.82
CA LEU C 202 -25.19 -11.04 -35.76
C LEU C 202 -26.01 -9.80 -36.20
N PHE C 203 -25.62 -8.61 -35.74
CA PHE C 203 -26.39 -7.40 -35.95
C PHE C 203 -25.50 -6.25 -36.40
N PRO C 204 -24.99 -6.28 -37.65
CA PRO C 204 -24.06 -5.24 -38.07
C PRO C 204 -24.77 -4.09 -38.82
N GLY C 205 -25.38 -3.16 -38.08
CA GLY C 205 -26.05 -2.02 -38.68
C GLY C 205 -25.12 -0.83 -38.79
N ASP C 206 -25.48 0.16 -39.58
CA ASP C 206 -24.62 1.34 -39.75
C ASP C 206 -25.32 2.64 -39.39
N SER C 207 -26.38 2.51 -38.60
CA SER C 207 -26.98 3.63 -37.90
C SER C 207 -27.81 3.08 -36.74
N GLU C 208 -28.38 3.99 -35.95
CA GLU C 208 -29.21 3.59 -34.84
C GLU C 208 -30.47 2.93 -35.38
N ILE C 209 -30.92 3.40 -36.52
CA ILE C 209 -32.20 2.93 -37.01
C ILE C 209 -32.03 1.63 -37.79
N ASP C 210 -30.83 1.45 -38.31
CA ASP C 210 -30.47 0.28 -39.08
C ASP C 210 -30.14 -0.89 -38.16
N GLN C 211 -29.50 -0.54 -37.04
CA GLN C 211 -29.21 -1.46 -35.94
C GLN C 211 -30.48 -2.04 -35.30
N LEU C 212 -31.47 -1.19 -35.03
CA LEU C 212 -32.71 -1.64 -34.43
C LEU C 212 -33.38 -2.63 -35.35
N PHE C 213 -33.32 -2.34 -36.65
CA PHE C 213 -34.15 -3.07 -37.60
C PHE C 213 -33.45 -4.41 -37.83
N ARG C 214 -32.12 -4.34 -37.89
CA ARG C 214 -31.30 -5.53 -37.84
C ARG C 214 -31.65 -6.47 -36.68
N ILE C 215 -32.01 -5.89 -35.52
CA ILE C 215 -32.44 -6.67 -34.36
C ILE C 215 -33.88 -7.13 -34.53
N PHE C 216 -34.74 -6.17 -34.87
CA PHE C 216 -36.16 -6.45 -35.07
C PHE C 216 -36.40 -7.64 -36.02
N ARG C 217 -35.62 -7.74 -37.09
CA ARG C 217 -35.86 -8.76 -38.10
C ARG C 217 -35.31 -10.09 -37.63
N THR C 218 -34.58 -10.09 -36.52
CA THR C 218 -34.10 -11.36 -36.01
C THR C 218 -34.92 -11.86 -34.85
N LEU C 219 -35.11 -11.02 -33.83
CA LEU C 219 -35.78 -11.43 -32.59
C LEU C 219 -37.25 -11.07 -32.59
N GLY C 220 -37.69 -10.38 -33.63
CA GLY C 220 -39.04 -9.83 -33.67
C GLY C 220 -39.12 -8.39 -33.23
N THR C 221 -40.23 -7.73 -33.54
CA THR C 221 -40.47 -6.39 -33.05
C THR C 221 -41.02 -6.54 -31.63
N PRO C 222 -40.36 -5.94 -30.63
CA PRO C 222 -40.83 -6.00 -29.25
C PRO C 222 -42.23 -5.39 -29.08
N ASP C 223 -43.15 -6.07 -28.38
CA ASP C 223 -44.41 -5.46 -27.96
C ASP C 223 -44.47 -5.25 -26.44
N GLU C 224 -45.58 -4.68 -25.96
CA GLU C 224 -45.75 -4.44 -24.54
C GLU C 224 -45.80 -5.76 -23.76
N VAL C 225 -46.14 -6.85 -24.44
CA VAL C 225 -46.15 -8.17 -23.80
C VAL C 225 -44.77 -8.75 -23.47
N VAL C 226 -43.91 -8.91 -24.47
CA VAL C 226 -42.48 -9.25 -24.30
C VAL C 226 -41.73 -8.29 -23.38
N TRP C 227 -42.04 -7.01 -23.45
CA TRP C 227 -41.25 -5.97 -22.77
C TRP C 227 -42.16 -4.81 -22.33
N PRO C 228 -42.80 -4.93 -21.14
CA PRO C 228 -43.69 -3.87 -20.66
C PRO C 228 -42.94 -2.56 -20.66
N GLY C 229 -43.57 -1.47 -21.11
CA GLY C 229 -42.87 -0.18 -21.24
C GLY C 229 -42.39 0.25 -22.61
N VAL C 230 -42.16 -0.71 -23.50
CA VAL C 230 -41.33 -0.48 -24.68
C VAL C 230 -41.93 0.53 -25.66
N THR C 231 -43.26 0.54 -25.80
CA THR C 231 -43.92 1.56 -26.62
C THR C 231 -43.90 2.96 -26.01
N SER C 232 -43.48 3.10 -24.75
CA SER C 232 -43.44 4.43 -24.15
C SER C 232 -42.02 5.00 -23.99
N MET C 233 -41.06 4.34 -24.62
CA MET C 233 -39.68 4.82 -24.65
C MET C 233 -39.48 5.81 -25.79
N PRO C 234 -38.57 6.78 -25.61
CA PRO C 234 -38.32 7.96 -26.44
C PRO C 234 -38.11 7.72 -27.94
N ASP C 235 -37.25 6.77 -28.30
CA ASP C 235 -36.88 6.56 -29.70
C ASP C 235 -37.75 5.49 -30.36
N TYR C 236 -38.74 4.99 -29.62
CA TYR C 236 -39.66 4.00 -30.14
C TYR C 236 -40.61 4.68 -31.10
N LYS C 237 -41.04 3.99 -32.15
CA LYS C 237 -41.98 4.56 -33.11
C LYS C 237 -43.12 3.58 -33.43
N PRO C 238 -44.38 4.01 -33.28
CA PRO C 238 -45.41 3.03 -33.59
C PRO C 238 -45.61 2.86 -35.11
N SER C 239 -44.82 3.55 -35.92
CA SER C 239 -44.74 3.24 -37.35
C SER C 239 -43.81 2.08 -37.67
N PHE C 240 -43.12 1.57 -36.65
CA PHE C 240 -42.06 0.58 -36.84
C PHE C 240 -42.76 -0.67 -37.33
N PRO C 241 -42.10 -1.42 -38.22
CA PRO C 241 -42.65 -2.66 -38.79
C PRO C 241 -42.96 -3.67 -37.71
N LYS C 242 -44.00 -4.47 -37.91
CA LYS C 242 -44.31 -5.50 -36.93
C LYS C 242 -43.85 -6.88 -37.38
N TRP C 243 -42.62 -7.25 -37.00
CA TRP C 243 -42.04 -8.50 -37.48
C TRP C 243 -42.15 -9.55 -36.40
N ALA C 244 -42.09 -10.82 -36.78
CA ALA C 244 -42.27 -11.91 -35.83
C ALA C 244 -40.91 -12.50 -35.48
N ARG C 245 -40.77 -12.90 -34.21
CA ARG C 245 -39.56 -13.61 -33.80
C ARG C 245 -39.38 -14.82 -34.69
N GLN C 246 -38.31 -14.86 -35.46
CA GLN C 246 -38.07 -16.02 -36.30
C GLN C 246 -37.27 -17.10 -35.55
N ASP C 247 -37.32 -18.31 -36.08
CA ASP C 247 -36.93 -19.47 -35.31
C ASP C 247 -35.44 -19.50 -35.01
N PHE C 248 -35.09 -19.63 -33.74
CA PHE C 248 -33.69 -19.58 -33.33
C PHE C 248 -32.75 -20.56 -34.02
N SER C 249 -33.29 -21.68 -34.45
CA SER C 249 -32.50 -22.68 -35.12
C SER C 249 -32.16 -22.32 -36.56
N LYS C 250 -32.72 -21.24 -37.11
CA LYS C 250 -32.20 -20.74 -38.38
C LYS C 250 -31.20 -19.61 -38.22
N VAL C 251 -31.21 -18.94 -37.06
CA VAL C 251 -30.24 -17.89 -36.73
C VAL C 251 -28.87 -18.46 -36.37
N VAL C 252 -28.87 -19.52 -35.57
CA VAL C 252 -27.64 -20.18 -35.20
C VAL C 252 -27.79 -21.69 -35.35
N PRO C 253 -27.79 -22.18 -36.59
CA PRO C 253 -27.92 -23.62 -36.87
C PRO C 253 -27.03 -24.54 -36.04
N PRO C 254 -25.71 -24.32 -36.08
CA PRO C 254 -24.72 -25.22 -35.49
C PRO C 254 -24.82 -25.53 -33.99
N LEU C 255 -25.82 -24.97 -33.31
CA LEU C 255 -25.79 -24.87 -31.85
C LEU C 255 -26.93 -25.74 -31.30
N ASP C 256 -26.68 -26.35 -30.15
CA ASP C 256 -27.57 -27.38 -29.62
C ASP C 256 -28.74 -26.75 -28.83
N GLU C 257 -29.58 -27.55 -28.18
CA GLU C 257 -30.72 -26.99 -27.47
C GLU C 257 -30.35 -26.14 -26.24
N ASP C 258 -29.41 -26.62 -25.42
CA ASP C 258 -28.86 -25.78 -24.36
C ASP C 258 -28.23 -24.48 -24.85
N GLY C 259 -27.38 -24.52 -25.87
CA GLY C 259 -26.84 -23.27 -26.39
C GLY C 259 -27.87 -22.25 -26.86
N ARG C 260 -28.94 -22.71 -27.52
CA ARG C 260 -29.93 -21.80 -28.07
C ARG C 260 -30.85 -21.28 -26.97
N SER C 261 -31.02 -22.07 -25.93
CA SER C 261 -31.71 -21.61 -24.74
C SER C 261 -30.96 -20.49 -24.02
N LEU C 262 -29.65 -20.66 -23.87
CA LEU C 262 -28.80 -19.65 -23.30
C LEU C 262 -28.74 -18.39 -24.18
N LEU C 263 -28.36 -18.51 -25.44
CA LEU C 263 -28.26 -17.33 -26.31
C LEU C 263 -29.57 -16.54 -26.28
N SER C 264 -30.67 -17.27 -26.30
CA SER C 264 -31.98 -16.66 -26.25
C SER C 264 -32.27 -15.87 -24.97
N GLN C 265 -31.79 -16.35 -23.83
CA GLN C 265 -31.82 -15.64 -22.56
C GLN C 265 -30.88 -14.43 -22.44
N MET C 266 -29.69 -14.51 -23.04
CA MET C 266 -28.84 -13.32 -23.20
C MET C 266 -29.37 -12.25 -24.19
N LEU C 267 -30.26 -12.64 -25.12
CA LEU C 267 -30.79 -11.68 -26.09
C LEU C 267 -32.26 -11.37 -25.83
N HIS C 268 -32.75 -11.73 -24.65
CA HIS C 268 -33.96 -11.14 -24.09
C HIS C 268 -34.07 -9.60 -24.17
N TYR C 269 -35.17 -9.13 -24.77
CA TYR C 269 -35.41 -7.71 -24.94
C TYR C 269 -35.41 -6.94 -23.62
N ASP C 270 -36.23 -7.39 -22.69
CA ASP C 270 -36.49 -6.63 -21.46
C ASP C 270 -35.29 -6.83 -20.54
N PRO C 271 -34.55 -5.74 -20.29
CA PRO C 271 -33.28 -5.81 -19.53
C PRO C 271 -33.48 -6.36 -18.12
N ASN C 272 -34.68 -6.21 -17.56
CA ASN C 272 -35.03 -6.85 -16.29
C ASN C 272 -35.02 -8.36 -16.31
N LYS C 273 -35.29 -8.94 -17.47
CA LYS C 273 -35.51 -10.38 -17.49
C LYS C 273 -34.30 -11.00 -18.13
N ARG C 274 -33.46 -10.16 -18.74
CA ARG C 274 -32.27 -10.68 -19.42
C ARG C 274 -31.36 -11.32 -18.37
N ILE C 275 -30.86 -12.51 -18.64
CA ILE C 275 -30.19 -13.35 -17.68
C ILE C 275 -28.92 -12.61 -17.23
N SER C 276 -28.55 -12.77 -15.97
CA SER C 276 -27.37 -12.09 -15.42
C SER C 276 -26.16 -12.94 -15.76
N ALA C 277 -24.97 -12.39 -15.62
CA ALA C 277 -23.75 -13.22 -15.66
C ALA C 277 -23.76 -14.38 -14.69
N LYS C 278 -24.03 -14.09 -13.42
CA LYS C 278 -23.94 -15.08 -12.36
C LYS C 278 -24.82 -16.29 -12.69
N ALA C 279 -26.02 -16.04 -13.22
CA ALA C 279 -26.98 -17.09 -13.59
C ALA C 279 -26.67 -17.76 -14.92
N ALA C 280 -26.10 -17.02 -15.85
CA ALA C 280 -25.62 -17.61 -17.09
C ALA C 280 -24.64 -18.72 -16.79
N LEU C 281 -23.86 -18.55 -15.73
CA LEU C 281 -22.83 -19.53 -15.39
C LEU C 281 -23.46 -20.83 -14.91
N ALA C 282 -24.64 -20.74 -14.33
CA ALA C 282 -25.35 -21.90 -13.81
C ALA C 282 -26.16 -22.62 -14.88
N HIS C 283 -26.14 -22.10 -16.11
CA HIS C 283 -26.93 -22.69 -17.20
C HIS C 283 -26.40 -24.06 -17.66
N PRO C 284 -27.29 -25.04 -17.85
CA PRO C 284 -26.85 -26.41 -18.16
C PRO C 284 -25.90 -26.51 -19.33
N PHE C 285 -25.95 -25.56 -20.27
CA PHE C 285 -24.95 -25.42 -21.33
C PHE C 285 -23.51 -25.62 -20.81
N PHE C 286 -23.19 -25.07 -19.65
CA PHE C 286 -21.84 -25.20 -19.11
C PHE C 286 -21.54 -26.39 -18.18
N GLN C 287 -22.44 -27.36 -18.10
CA GLN C 287 -22.21 -28.57 -17.30
C GLN C 287 -21.01 -29.38 -17.76
N ASP C 288 -20.62 -29.26 -19.02
CA ASP C 288 -19.58 -30.14 -19.48
C ASP C 288 -18.49 -29.34 -20.16
N VAL C 289 -18.27 -28.14 -19.63
CA VAL C 289 -17.33 -27.21 -20.20
C VAL C 289 -15.92 -27.74 -20.02
N THR C 290 -15.11 -27.67 -21.08
CA THR C 290 -13.71 -28.08 -21.01
C THR C 290 -12.71 -26.94 -21.21
N LYS C 291 -11.43 -27.26 -21.35
CA LYS C 291 -10.39 -26.22 -21.44
C LYS C 291 -9.50 -26.43 -22.66
N PRO C 292 -10.15 -26.41 -23.83
CA PRO C 292 -9.54 -26.51 -25.15
C PRO C 292 -8.62 -25.34 -25.41
N VAL C 293 -7.56 -25.56 -26.20
CA VAL C 293 -6.62 -24.52 -26.66
C VAL C 293 -6.81 -24.09 -28.12
N PRO C 294 -6.58 -22.81 -28.40
CA PRO C 294 -6.81 -22.44 -29.79
C PRO C 294 -5.63 -22.84 -30.69
N HIS C 295 -5.92 -23.04 -31.98
CA HIS C 295 -4.87 -23.08 -32.99
C HIS C 295 -4.50 -21.70 -33.58
N LEU C 296 -3.29 -21.25 -33.27
CA LEU C 296 -2.98 -19.81 -33.19
C LEU C 296 -1.92 -19.33 -34.19
N ARG C 297 -2.14 -18.18 -34.80
N VAL D 2 -33.98 -5.70 -7.61
CA VAL D 2 -32.84 -6.34 -6.90
C VAL D 2 -32.14 -7.43 -7.73
N PRO D 3 -31.31 -7.03 -8.71
CA PRO D 3 -30.37 -7.94 -9.39
C PRO D 3 -29.66 -8.87 -8.41
N ASP D 4 -28.95 -9.87 -8.94
CA ASP D 4 -28.29 -10.87 -8.08
C ASP D 4 -26.93 -10.52 -7.43
N TYR D 5 -26.63 -9.22 -7.36
CA TYR D 5 -25.30 -8.76 -7.00
C TYR D 5 -25.43 -7.41 -6.28
N HIS D 6 -26.66 -6.99 -5.99
CA HIS D 6 -26.89 -5.84 -5.09
C HIS D 6 -26.31 -6.05 -3.71
N GLU D 7 -26.63 -7.19 -3.11
CA GLU D 7 -25.92 -7.63 -1.92
C GLU D 7 -24.40 -7.59 -2.12
N ASP D 8 -23.91 -8.20 -3.19
CA ASP D 8 -22.48 -8.29 -3.46
C ASP D 8 -21.88 -6.88 -3.49
N ILE D 9 -22.58 -5.95 -4.14
CA ILE D 9 -22.10 -4.59 -4.31
C ILE D 9 -22.06 -3.91 -2.96
N HIS D 10 -23.14 -4.08 -2.20
CA HIS D 10 -23.23 -3.36 -0.95
C HIS D 10 -22.21 -3.90 0.04
N THR D 11 -21.80 -5.14 -0.14
CA THR D 11 -20.81 -5.72 0.73
C THR D 11 -19.44 -5.16 0.35
N TYR D 12 -19.26 -4.85 -0.94
CA TYR D 12 -17.98 -4.45 -1.50
C TYR D 12 -17.74 -2.96 -1.24
N LEU D 13 -18.81 -2.19 -1.30
CA LEU D 13 -18.73 -0.80 -0.96
C LEU D 13 -18.43 -0.67 0.52
N ARG D 14 -18.95 -1.59 1.31
CA ARG D 14 -18.60 -1.55 2.73
C ARG D 14 -17.10 -1.79 2.99
N GLU D 15 -16.46 -2.61 2.16
CA GLU D 15 -15.01 -2.83 2.23
C GLU D 15 -14.24 -1.63 1.75
N MET D 16 -14.65 -1.09 0.60
CA MET D 16 -13.96 0.01 -0.07
C MET D 16 -14.07 1.33 0.69
N GLU D 17 -15.17 1.55 1.40
CA GLU D 17 -15.30 2.79 2.16
C GLU D 17 -14.30 2.79 3.32
N VAL D 18 -13.96 1.61 3.82
CA VAL D 18 -12.92 1.53 4.84
C VAL D 18 -11.52 1.82 4.29
N LYS D 19 -11.29 1.49 3.02
CA LYS D 19 -9.96 1.72 2.46
C LYS D 19 -9.79 3.16 2.00
N CYS D 20 -10.89 3.82 1.65
CA CYS D 20 -10.84 5.21 1.13
C CYS D 20 -11.29 6.26 2.17
N LYS D 21 -10.99 5.99 3.44
CA LYS D 21 -11.23 6.91 4.56
C LYS D 21 -10.05 7.88 4.74
N PRO D 22 -10.31 9.19 4.84
CA PRO D 22 -9.36 10.20 5.33
C PRO D 22 -8.94 9.97 6.77
N LYS D 23 -7.71 10.32 7.14
CA LYS D 23 -7.33 10.35 8.54
C LYS D 23 -8.25 11.34 9.26
N VAL D 24 -8.90 10.93 10.35
CA VAL D 24 -9.71 11.87 11.11
C VAL D 24 -8.89 13.01 11.71
N GLY D 25 -7.72 12.66 12.25
CA GLY D 25 -6.83 13.68 12.83
C GLY D 25 -6.53 14.96 12.03
N TYR D 26 -6.82 14.98 10.73
CA TYR D 26 -5.82 15.52 9.82
C TYR D 26 -5.57 17.02 9.92
N MET D 27 -6.62 17.78 10.23
CA MET D 27 -6.60 19.24 10.14
C MET D 27 -5.80 19.89 11.28
N LYS D 28 -5.80 19.21 12.43
CA LYS D 28 -4.87 19.48 13.52
C LYS D 28 -3.39 19.42 13.13
N LYS D 29 -3.02 18.51 12.22
CA LYS D 29 -1.65 18.40 11.76
C LYS D 29 -1.32 19.24 10.53
N GLN D 30 -2.28 19.99 10.01
CA GLN D 30 -1.96 20.95 8.95
C GLN D 30 -1.61 22.32 9.58
N PRO D 31 -0.37 22.76 9.39
CA PRO D 31 0.10 24.01 9.99
C PRO D 31 -0.69 25.27 9.58
N ASP D 32 -1.08 25.37 8.32
CA ASP D 32 -1.58 26.62 7.78
C ASP D 32 -3.09 26.64 7.48
N ILE D 33 -3.72 25.48 7.47
CA ILE D 33 -5.13 25.46 7.11
C ILE D 33 -5.99 24.87 8.23
N THR D 34 -7.30 25.03 8.07
CA THR D 34 -8.28 24.90 9.16
C THR D 34 -9.58 24.25 8.65
N ASN D 35 -10.34 23.56 9.52
CA ASN D 35 -11.69 23.13 9.14
C ASN D 35 -12.59 24.22 8.50
N SER D 36 -12.52 25.42 9.07
CA SER D 36 -13.20 26.57 8.49
C SER D 36 -12.83 26.90 7.05
N MET D 37 -11.55 26.73 6.73
CA MET D 37 -11.09 26.89 5.35
C MET D 37 -11.59 25.77 4.42
N ARG D 38 -11.60 24.57 4.97
CA ARG D 38 -12.18 23.42 4.30
C ARG D 38 -13.67 23.66 3.99
N ALA D 39 -14.41 24.13 5.00
CA ALA D 39 -15.80 24.57 4.78
C ALA D 39 -15.96 25.54 3.62
N ILE D 40 -15.09 26.54 3.53
CA ILE D 40 -15.29 27.59 2.54
C ILE D 40 -15.06 26.93 1.19
N LEU D 41 -14.01 26.09 1.13
CA LEU D 41 -13.65 25.42 -0.13
C LEU D 41 -14.76 24.51 -0.65
N VAL D 42 -15.31 23.70 0.26
CA VAL D 42 -16.31 22.72 -0.15
C VAL D 42 -17.58 23.43 -0.64
N ASP D 43 -17.96 24.49 0.07
CA ASP D 43 -19.11 25.31 -0.30
C ASP D 43 -18.97 25.97 -1.69
N TRP D 44 -17.77 26.49 -1.97
CA TRP D 44 -17.41 26.98 -3.29
C TRP D 44 -17.59 25.93 -4.39
N LEU D 45 -17.37 24.66 -4.03
CA LEU D 45 -17.39 23.60 -5.04
C LEU D 45 -18.85 23.30 -5.34
N VAL D 46 -19.68 23.43 -4.32
CA VAL D 46 -21.11 23.33 -4.55
C VAL D 46 -21.55 24.31 -5.65
N GLU D 47 -21.22 25.60 -5.50
CA GLU D 47 -21.48 26.62 -6.52
C GLU D 47 -20.95 26.17 -7.87
N VAL D 48 -19.71 25.72 -7.90
CA VAL D 48 -19.08 25.35 -9.17
C VAL D 48 -19.86 24.17 -9.76
N GLY D 49 -20.24 23.23 -8.89
CA GLY D 49 -21.19 22.18 -9.26
C GLY D 49 -22.41 22.69 -10.03
N GLU D 50 -23.13 23.61 -9.39
CA GLU D 50 -24.30 24.21 -10.01
C GLU D 50 -24.00 24.95 -11.33
N GLU D 51 -22.93 25.70 -11.43
CA GLU D 51 -22.72 26.49 -12.63
C GLU D 51 -22.44 25.68 -13.90
N TYR D 52 -21.62 24.65 -13.75
CA TYR D 52 -21.28 23.82 -14.87
C TYR D 52 -22.20 22.61 -14.91
N LYS D 53 -23.22 22.65 -14.07
CA LYS D 53 -24.22 21.59 -14.04
C LYS D 53 -23.69 20.16 -13.86
N LEU D 54 -22.76 20.00 -12.93
CA LEU D 54 -22.21 18.70 -12.64
C LEU D 54 -23.18 17.89 -11.79
N GLN D 55 -23.04 16.57 -11.86
CA GLN D 55 -23.74 15.65 -10.99
C GLN D 55 -23.45 15.85 -9.50
N ASN D 56 -24.38 15.45 -8.64
CA ASN D 56 -24.05 15.36 -7.23
C ASN D 56 -22.90 14.46 -6.92
N GLU D 57 -22.75 13.35 -7.64
CA GLU D 57 -21.71 12.40 -7.29
C GLU D 57 -20.30 12.98 -7.50
N THR D 58 -20.19 13.83 -8.50
CA THR D 58 -18.94 14.48 -8.75
C THR D 58 -18.47 15.27 -7.56
N LEU D 59 -19.40 15.95 -6.91
CA LEU D 59 -19.11 16.73 -5.74
C LEU D 59 -18.61 15.83 -4.59
N HIS D 60 -19.21 14.66 -4.39
CA HIS D 60 -18.88 13.85 -3.21
C HIS D 60 -17.48 13.32 -3.45
N LEU D 61 -17.17 13.02 -4.71
CA LEU D 61 -15.92 12.33 -4.99
C LEU D 61 -14.80 13.33 -4.79
N ALA D 62 -14.99 14.54 -5.28
CA ALA D 62 -14.01 15.61 -5.08
C ALA D 62 -13.67 15.83 -3.61
N VAL D 63 -14.65 15.96 -2.75
CA VAL D 63 -14.39 16.15 -1.33
C VAL D 63 -13.64 14.96 -0.71
N ASN D 64 -13.89 13.76 -1.22
CA ASN D 64 -13.11 12.57 -0.84
C ASN D 64 -11.65 12.68 -1.26
N TYR D 65 -11.41 13.07 -2.52
CA TYR D 65 -10.06 13.31 -3.02
C TYR D 65 -9.31 14.34 -2.18
N ILE D 66 -9.99 15.44 -1.86
CA ILE D 66 -9.41 16.54 -1.08
C ILE D 66 -9.06 16.10 0.35
N ASP D 67 -10.00 15.44 1.02
CA ASP D 67 -9.73 14.91 2.34
C ASP D 67 -8.66 13.85 2.36
N ARG D 68 -8.50 13.10 1.27
CA ARG D 68 -7.44 12.08 1.21
C ARG D 68 -6.08 12.72 0.92
N PHE D 69 -6.07 13.64 -0.05
CA PHE D 69 -4.92 14.46 -0.32
C PHE D 69 -4.39 15.13 0.95
N LEU D 70 -5.22 15.95 1.61
CA LEU D 70 -4.79 16.64 2.82
C LEU D 70 -4.52 15.72 4.02
N SER D 71 -4.94 14.46 3.96
CA SER D 71 -4.49 13.52 4.96
C SER D 71 -3.00 13.21 4.92
N SER D 72 -2.36 13.38 3.76
CA SER D 72 -0.93 13.07 3.65
C SER D 72 -0.04 14.19 3.15
N MET D 73 -0.58 15.30 2.66
CA MET D 73 0.24 16.43 2.25
C MET D 73 -0.10 17.69 3.04
N SER D 74 0.89 18.40 3.58
CA SER D 74 0.70 19.80 4.03
C SER D 74 0.42 20.75 2.88
N VAL D 75 -0.59 21.59 3.05
CA VAL D 75 -0.92 22.58 2.02
C VAL D 75 -1.02 23.99 2.63
N LEU D 76 -0.39 24.96 1.98
CA LEU D 76 -0.56 26.32 2.44
C LEU D 76 -1.89 26.86 1.94
N ARG D 77 -2.42 27.85 2.66
CA ARG D 77 -3.78 28.31 2.44
C ARG D 77 -3.97 28.84 1.00
N GLY D 78 -2.92 29.43 0.45
CA GLY D 78 -3.00 29.94 -0.90
C GLY D 78 -2.97 28.85 -1.95
N LYS D 79 -2.60 27.61 -1.58
CA LYS D 79 -2.74 26.46 -2.52
C LYS D 79 -3.98 25.57 -2.38
N LEU D 80 -4.77 25.82 -1.35
CA LEU D 80 -5.87 24.91 -1.04
C LEU D 80 -6.95 24.94 -2.15
N GLN D 81 -7.12 26.06 -2.83
CA GLN D 81 -8.17 26.18 -3.82
C GLN D 81 -7.70 25.44 -5.06
N LEU D 82 -6.38 25.34 -5.19
CA LEU D 82 -5.74 24.71 -6.34
C LEU D 82 -5.86 23.19 -6.24
N VAL D 83 -5.73 22.67 -5.01
CA VAL D 83 -6.12 21.31 -4.66
C VAL D 83 -7.57 21.01 -4.98
N GLY D 84 -8.48 21.84 -4.50
CA GLY D 84 -9.91 21.63 -4.71
C GLY D 84 -10.29 21.70 -6.17
N THR D 85 -9.68 22.61 -6.91
CA THR D 85 -9.93 22.67 -8.35
C THR D 85 -9.49 21.41 -9.10
N ALA D 86 -8.32 20.90 -8.74
CA ALA D 86 -7.80 19.71 -9.40
C ALA D 86 -8.63 18.54 -8.94
N ALA D 87 -9.12 18.57 -7.70
CA ALA D 87 -10.04 17.53 -7.23
C ALA D 87 -11.35 17.44 -8.01
N MET D 88 -12.05 18.57 -8.12
CA MET D 88 -13.19 18.71 -9.02
C MET D 88 -12.90 18.30 -10.47
N LEU D 89 -11.77 18.74 -11.02
CA LEU D 89 -11.41 18.25 -12.35
C LEU D 89 -11.39 16.72 -12.45
N LEU D 90 -10.66 16.04 -11.58
CA LEU D 90 -10.57 14.57 -11.68
C LEU D 90 -11.91 13.92 -11.45
N ALA D 91 -12.62 14.37 -10.42
CA ALA D 91 -13.95 13.82 -10.17
C ALA D 91 -14.88 13.95 -11.36
N SER D 92 -14.79 15.08 -12.08
CA SER D 92 -15.53 15.29 -13.33
C SER D 92 -15.15 14.28 -14.40
N LYS D 93 -13.84 14.15 -14.66
CA LYS D 93 -13.39 13.12 -15.59
C LYS D 93 -13.86 11.71 -15.23
N PHE D 94 -13.78 11.32 -13.97
CA PHE D 94 -14.17 9.96 -13.59
C PHE D 94 -15.68 9.79 -13.74
N GLU D 95 -16.47 10.79 -13.32
CA GLU D 95 -17.93 10.67 -13.20
C GLU D 95 -18.84 11.30 -14.25
N GLU D 96 -18.41 12.36 -14.93
CA GLU D 96 -19.28 13.02 -15.90
C GLU D 96 -19.14 12.35 -17.22
N ILE D 97 -20.22 12.35 -18.00
CA ILE D 97 -20.14 11.92 -19.40
C ILE D 97 -19.11 12.76 -20.15
N TYR D 98 -19.13 14.07 -19.90
CA TYR D 98 -18.25 15.01 -20.59
C TYR D 98 -17.88 16.01 -19.52
N PRO D 99 -16.61 15.99 -19.13
CA PRO D 99 -16.16 16.95 -18.13
C PRO D 99 -16.03 18.37 -18.72
N PRO D 100 -16.16 19.42 -17.88
CA PRO D 100 -15.85 20.73 -18.43
C PRO D 100 -14.35 20.75 -18.63
N GLU D 101 -13.86 21.56 -19.58
CA GLU D 101 -12.42 21.65 -19.88
C GLU D 101 -11.60 22.36 -18.81
N VAL D 102 -10.30 22.11 -18.75
CA VAL D 102 -9.45 22.82 -17.81
C VAL D 102 -9.62 24.34 -17.82
N ALA D 103 -9.66 24.94 -19.01
CA ALA D 103 -9.84 26.39 -19.13
C ALA D 103 -11.05 26.88 -18.34
N GLU D 104 -12.05 26.02 -18.16
CA GLU D 104 -13.25 26.43 -17.47
C GLU D 104 -13.00 26.38 -15.97
N PHE D 105 -12.07 25.52 -15.56
CA PHE D 105 -11.77 25.36 -14.16
C PHE D 105 -10.83 26.46 -13.76
N VAL D 106 -9.94 26.84 -14.68
CA VAL D 106 -9.07 28.00 -14.48
C VAL D 106 -9.89 29.28 -14.45
N TYR D 107 -10.72 29.49 -15.48
CA TYR D 107 -11.60 30.63 -15.56
C TYR D 107 -12.51 30.74 -14.34
N ILE D 108 -13.03 29.63 -13.84
CA ILE D 108 -13.94 29.70 -12.70
C ILE D 108 -13.29 30.07 -11.36
N THR D 109 -11.96 30.06 -11.32
CA THR D 109 -11.26 30.58 -10.15
C THR D 109 -10.91 32.06 -10.30
N ASP D 110 -11.19 32.63 -11.47
CA ASP D 110 -10.86 34.04 -11.69
C ASP D 110 -9.37 34.12 -11.97
N ASP D 111 -8.89 33.20 -12.80
CA ASP D 111 -7.49 33.24 -13.16
C ASP D 111 -6.51 33.28 -11.98
N THR D 112 -6.91 32.74 -10.83
CA THR D 112 -6.00 32.51 -9.68
C THR D 112 -4.79 31.61 -9.92
N TYR D 113 -4.98 30.54 -10.68
CA TYR D 113 -3.93 29.59 -10.98
C TYR D 113 -3.96 29.51 -12.47
N THR D 114 -2.88 29.02 -13.08
CA THR D 114 -2.82 28.77 -14.51
C THR D 114 -3.24 27.36 -14.94
N LYS D 115 -3.48 27.22 -16.23
CA LYS D 115 -3.77 25.95 -16.89
C LYS D 115 -2.75 24.96 -16.38
N LYS D 116 -1.53 25.45 -16.24
CA LYS D 116 -0.41 24.55 -16.12
C LYS D 116 -0.29 24.12 -14.67
N GLN D 117 -0.61 25.00 -13.74
CA GLN D 117 -0.71 24.58 -12.36
C GLN D 117 -1.84 23.59 -12.13
N VAL D 118 -2.99 23.82 -12.74
CA VAL D 118 -4.09 22.88 -12.57
C VAL D 118 -3.71 21.49 -13.04
N LEU D 119 -3.22 21.38 -14.27
CA LEU D 119 -2.65 20.13 -14.78
C LEU D 119 -1.56 19.49 -13.91
N ARG D 120 -0.70 20.30 -13.30
CA ARG D 120 0.34 19.67 -12.50
C ARG D 120 -0.23 19.22 -11.16
N MET D 121 -1.26 19.91 -10.66
CA MET D 121 -1.88 19.50 -9.40
C MET D 121 -2.67 18.23 -9.59
N GLU D 122 -3.26 18.07 -10.77
CA GLU D 122 -3.97 16.86 -11.16
C GLU D 122 -3.07 15.64 -11.11
N HIS D 123 -1.91 15.75 -11.76
CA HIS D 123 -0.89 14.77 -11.58
C HIS D 123 -0.55 14.49 -10.12
N LEU D 124 -0.29 15.53 -9.33
CA LEU D 124 0.18 15.27 -7.96
C LEU D 124 -0.90 14.56 -7.12
N VAL D 125 -2.15 14.94 -7.34
CA VAL D 125 -3.31 14.33 -6.69
C VAL D 125 -3.49 12.86 -7.07
N LEU D 126 -3.46 12.56 -8.38
CA LEU D 126 -3.35 11.18 -8.88
C LEU D 126 -2.25 10.43 -8.16
N LYS D 127 -1.07 11.02 -8.13
CA LYS D 127 0.08 10.35 -7.55
C LYS D 127 -0.16 10.07 -6.07
N VAL D 128 -0.77 11.01 -5.35
CA VAL D 128 -0.98 10.81 -3.94
C VAL D 128 -2.10 9.83 -3.62
N LEU D 129 -3.14 9.82 -4.46
CA LEU D 129 -4.26 8.91 -4.27
C LEU D 129 -3.99 7.53 -4.87
N THR D 130 -2.74 7.27 -5.27
CA THR D 130 -2.39 6.06 -5.99
C THR D 130 -3.46 5.66 -7.01
N PHE D 131 -3.93 6.61 -7.81
CA PHE D 131 -4.98 6.38 -8.83
C PHE D 131 -6.25 5.71 -8.33
N ASP D 132 -6.44 5.59 -7.01
CA ASP D 132 -7.69 5.02 -6.52
C ASP D 132 -8.80 6.05 -6.50
N LEU D 133 -9.60 6.08 -7.57
CA LEU D 133 -10.68 7.06 -7.62
C LEU D 133 -12.12 6.60 -7.39
N ALA D 134 -12.42 5.32 -7.55
CA ALA D 134 -13.78 4.86 -7.35
C ALA D 134 -14.03 4.71 -5.87
N ALA D 135 -14.12 5.83 -5.16
CA ALA D 135 -14.41 5.83 -3.74
C ALA D 135 -15.91 5.81 -3.48
N PRO D 136 -16.37 4.96 -2.55
CA PRO D 136 -17.75 4.90 -2.10
C PRO D 136 -18.12 6.25 -1.44
N THR D 137 -19.29 6.82 -1.72
CA THR D 137 -19.68 8.12 -1.19
C THR D 137 -21.00 7.97 -0.45
N VAL D 138 -21.32 8.89 0.46
CA VAL D 138 -22.64 8.96 1.10
C VAL D 138 -23.75 8.80 0.07
N ASN D 139 -23.57 9.50 -1.04
CA ASN D 139 -24.50 9.53 -2.16
C ASN D 139 -24.70 8.14 -2.79
N GLN D 140 -23.68 7.30 -2.72
CA GLN D 140 -23.80 5.96 -3.22
C GLN D 140 -24.64 5.11 -2.28
N PHE D 141 -24.38 5.18 -0.98
CA PHE D 141 -25.19 4.40 -0.04
C PHE D 141 -26.66 4.84 -0.02
N LEU D 142 -26.90 6.16 -0.03
CA LEU D 142 -28.27 6.67 -0.15
C LEU D 142 -28.99 6.05 -1.34
N THR D 143 -28.28 5.82 -2.43
CA THR D 143 -28.94 5.36 -3.63
C THR D 143 -29.35 3.91 -3.45
N GLN D 144 -28.48 3.10 -2.85
CA GLN D 144 -28.87 1.78 -2.43
C GLN D 144 -29.98 1.76 -1.40
N TYR D 145 -29.81 2.52 -0.32
CA TYR D 145 -30.84 2.59 0.71
C TYR D 145 -32.22 2.85 0.13
N PHE D 146 -32.32 3.80 -0.79
CA PHE D 146 -33.58 4.14 -1.46
C PHE D 146 -34.47 3.00 -1.91
N LEU D 147 -33.88 1.84 -2.20
CA LEU D 147 -34.65 0.66 -2.58
C LEU D 147 -35.42 -0.04 -1.44
N HIS D 148 -35.38 0.52 -0.24
CA HIS D 148 -35.99 -0.16 0.90
C HIS D 148 -37.08 0.71 1.46
N GLN D 149 -37.58 1.62 0.63
CA GLN D 149 -38.71 2.43 0.99
C GLN D 149 -39.99 1.66 0.75
N GLN D 150 -40.99 1.87 1.58
CA GLN D 150 -42.37 1.50 1.25
C GLN D 150 -43.40 2.65 1.44
N PRO D 151 -43.86 3.26 0.33
CA PRO D 151 -43.31 3.15 -1.03
C PRO D 151 -42.33 4.30 -1.28
N ALA D 152 -42.01 4.57 -2.55
CA ALA D 152 -41.10 5.65 -2.88
C ALA D 152 -41.70 7.04 -2.61
N ASN D 153 -40.82 8.05 -2.52
CA ASN D 153 -41.18 9.41 -2.10
C ASN D 153 -40.00 10.33 -2.38
N CYS D 154 -40.18 11.34 -3.23
CA CYS D 154 -39.02 12.00 -3.77
C CYS D 154 -38.76 13.29 -3.02
N LYS D 155 -39.64 13.61 -2.08
CA LYS D 155 -39.28 14.48 -0.97
C LYS D 155 -38.31 13.79 0.02
N VAL D 156 -38.54 12.52 0.33
CA VAL D 156 -37.69 11.84 1.29
C VAL D 156 -36.31 11.71 0.67
N GLU D 157 -36.25 11.47 -0.63
CA GLU D 157 -34.98 11.29 -1.31
C GLU D 157 -34.20 12.59 -1.50
N SER D 158 -34.91 13.64 -1.87
CA SER D 158 -34.29 14.95 -2.04
C SER D 158 -33.82 15.47 -0.70
N LEU D 159 -34.61 15.25 0.35
CA LEU D 159 -34.22 15.69 1.68
C LEU D 159 -33.01 14.88 2.14
N ALA D 160 -32.96 13.61 1.77
CA ALA D 160 -31.89 12.76 2.28
C ALA D 160 -30.57 13.16 1.64
N MET D 161 -30.64 13.52 0.36
CA MET D 161 -29.48 13.92 -0.44
C MET D 161 -28.92 15.21 0.12
N PHE D 162 -29.82 16.14 0.41
CA PHE D 162 -29.47 17.42 0.98
C PHE D 162 -28.82 17.33 2.37
N LEU D 163 -29.27 16.42 3.22
CA LEU D 163 -28.62 16.25 4.54
C LEU D 163 -27.22 15.66 4.38
N GLY D 164 -27.07 14.64 3.53
CA GLY D 164 -25.74 14.14 3.16
C GLY D 164 -24.79 15.20 2.60
N GLU D 165 -25.21 15.98 1.60
CA GLU D 165 -24.39 17.12 1.19
C GLU D 165 -23.97 18.00 2.38
N LEU D 166 -24.89 18.33 3.27
CA LEU D 166 -24.51 19.20 4.39
C LEU D 166 -23.32 18.61 5.15
N SER D 167 -23.32 17.30 5.35
CA SER D 167 -22.22 16.67 6.07
C SER D 167 -20.84 16.94 5.46
N LEU D 168 -20.79 17.24 4.16
CA LEU D 168 -19.53 17.36 3.44
C LEU D 168 -18.82 18.66 3.80
N ILE D 169 -19.59 19.64 4.27
CA ILE D 169 -19.02 20.89 4.76
C ILE D 169 -18.17 20.85 6.04
N ASP D 170 -18.52 20.01 7.00
CA ASP D 170 -17.94 20.09 8.35
C ASP D 170 -17.17 18.84 8.78
N ALA D 171 -15.85 18.94 8.59
CA ALA D 171 -14.97 17.81 8.82
C ALA D 171 -15.00 17.49 10.32
N ASP D 172 -15.22 18.51 11.13
CA ASP D 172 -15.65 18.25 12.48
C ASP D 172 -17.16 18.49 12.58
N PRO D 173 -17.93 17.43 12.86
CA PRO D 173 -17.58 16.06 13.24
C PRO D 173 -17.56 14.97 12.17
N TYR D 174 -17.88 15.27 10.90
CA TYR D 174 -18.26 14.20 9.95
C TYR D 174 -17.17 13.33 9.32
N LEU D 175 -15.90 13.70 9.52
CA LEU D 175 -14.82 12.73 9.40
C LEU D 175 -14.79 11.64 10.50
N LYS D 176 -15.60 11.73 11.53
CA LYS D 176 -15.63 10.58 12.46
C LYS D 176 -16.45 9.40 11.91
N TYR D 177 -17.31 9.67 10.94
CA TYR D 177 -18.26 8.69 10.38
C TYR D 177 -17.95 8.20 8.96
N LEU D 178 -18.17 6.90 8.75
CA LEU D 178 -18.07 6.28 7.43
C LEU D 178 -19.23 6.72 6.53
N PRO D 179 -19.03 6.76 5.20
CA PRO D 179 -20.16 7.18 4.40
C PRO D 179 -21.46 6.41 4.61
N SER D 180 -21.39 5.14 4.97
CA SER D 180 -22.61 4.33 4.99
C SER D 180 -23.42 4.68 6.23
N VAL D 181 -22.74 5.29 7.19
CA VAL D 181 -23.34 5.65 8.47
C VAL D 181 -23.97 7.04 8.41
N ILE D 182 -23.22 8.01 7.88
CA ILE D 182 -23.88 9.22 7.40
C ILE D 182 -25.10 9.01 6.50
N ALA D 183 -24.97 8.22 5.45
CA ALA D 183 -26.14 7.92 4.62
C ALA D 183 -27.28 7.27 5.43
N GLY D 184 -26.96 6.43 6.41
CA GLY D 184 -28.00 5.81 7.24
C GLY D 184 -28.75 6.82 8.08
N ALA D 185 -27.98 7.67 8.78
CA ALA D 185 -28.52 8.80 9.50
C ALA D 185 -29.28 9.77 8.59
N ALA D 186 -28.74 10.09 7.43
CA ALA D 186 -29.42 11.08 6.58
C ALA D 186 -30.77 10.56 6.09
N PHE D 187 -30.82 9.26 5.84
CA PHE D 187 -32.02 8.62 5.30
C PHE D 187 -33.08 8.49 6.41
N HIS D 188 -32.72 7.90 7.55
CA HIS D 188 -33.64 7.95 8.67
C HIS D 188 -34.23 9.35 8.91
N LEU D 189 -33.36 10.33 9.08
CA LEU D 189 -33.77 11.65 9.50
C LEU D 189 -34.65 12.28 8.44
N ALA D 190 -34.59 11.74 7.22
CA ALA D 190 -35.36 12.33 6.13
C ALA D 190 -36.73 11.67 6.03
N LEU D 191 -36.73 10.35 6.22
CA LEU D 191 -37.91 9.50 6.45
C LEU D 191 -38.76 10.05 7.58
N TYR D 192 -38.12 10.24 8.73
CA TYR D 192 -38.78 10.77 9.92
C TYR D 192 -39.32 12.19 9.80
N THR D 193 -38.57 13.10 9.20
CA THR D 193 -39.07 14.44 8.98
C THR D 193 -40.27 14.47 8.05
N VAL D 194 -40.31 13.59 7.04
CA VAL D 194 -41.29 13.75 5.96
C VAL D 194 -42.59 12.95 6.08
N THR D 195 -42.46 11.67 6.42
CA THR D 195 -43.62 10.80 6.53
C THR D 195 -43.78 10.24 7.94
N GLY D 196 -42.82 10.54 8.81
CA GLY D 196 -42.92 10.13 10.19
C GLY D 196 -42.41 8.70 10.36
N GLN D 197 -42.04 8.02 9.27
CA GLN D 197 -41.35 6.72 9.41
C GLN D 197 -39.88 6.71 9.81
N SER D 198 -39.26 5.53 9.75
CA SER D 198 -38.01 5.25 10.45
C SER D 198 -37.07 4.29 9.72
N TRP D 199 -35.80 4.28 10.14
CA TRP D 199 -34.83 3.33 9.63
C TRP D 199 -35.56 1.99 9.48
N PRO D 200 -35.72 1.50 8.25
CA PRO D 200 -36.47 0.27 7.93
C PRO D 200 -35.84 -1.01 8.46
N GLU D 201 -36.68 -2.00 8.78
CA GLU D 201 -36.18 -3.31 9.20
C GLU D 201 -35.29 -3.96 8.13
N SER D 202 -35.76 -3.92 6.89
CA SER D 202 -34.98 -4.47 5.79
C SER D 202 -33.55 -3.94 5.69
N LEU D 203 -33.33 -2.66 6.02
CA LEU D 203 -31.99 -2.05 6.02
C LEU D 203 -31.19 -2.33 7.29
N ILE D 204 -31.90 -2.47 8.42
CA ILE D 204 -31.37 -3.10 9.66
C ILE D 204 -30.69 -4.46 9.42
N ARG D 205 -31.38 -5.41 8.80
CA ARG D 205 -30.74 -6.68 8.39
C ARG D 205 -29.60 -6.47 7.38
N LYS D 206 -29.84 -5.68 6.34
CA LYS D 206 -28.88 -5.59 5.24
C LYS D 206 -27.58 -4.91 5.72
N THR D 207 -27.71 -3.83 6.48
CA THR D 207 -26.54 -3.08 6.94
C THR D 207 -25.89 -3.57 8.24
N GLY D 208 -26.68 -4.08 9.17
CA GLY D 208 -26.08 -4.41 10.45
C GLY D 208 -26.15 -3.20 11.37
N TYR D 209 -26.76 -2.11 10.88
CA TYR D 209 -26.94 -0.91 11.71
C TYR D 209 -28.35 -0.79 12.34
N THR D 210 -28.41 -1.04 13.65
CA THR D 210 -29.52 -0.55 14.48
C THR D 210 -29.67 0.97 14.39
N LEU D 211 -30.92 1.43 14.36
CA LEU D 211 -31.25 2.83 14.63
C LEU D 211 -30.39 3.37 15.75
N GLU D 212 -30.12 2.49 16.71
CA GLU D 212 -29.40 2.80 17.94
C GLU D 212 -27.91 3.10 17.67
N SER D 213 -27.27 2.25 16.88
CA SER D 213 -25.88 2.46 16.47
C SER D 213 -25.75 3.72 15.64
N LEU D 214 -26.80 4.08 14.92
CA LEU D 214 -26.90 5.38 14.25
C LEU D 214 -26.96 6.63 15.14
N LYS D 215 -27.36 6.49 16.40
CA LYS D 215 -27.80 7.62 17.22
C LYS D 215 -26.80 8.77 17.40
N PRO D 216 -25.53 8.43 17.70
CA PRO D 216 -24.47 9.45 17.72
C PRO D 216 -24.41 10.23 16.42
N CYS D 217 -24.40 9.53 15.30
CA CYS D 217 -24.37 10.22 14.00
C CYS D 217 -25.64 11.05 13.75
N LEU D 218 -26.78 10.42 14.02
CA LEU D 218 -28.06 11.07 13.98
C LEU D 218 -28.09 12.28 14.90
N MET D 219 -27.49 12.16 16.08
CA MET D 219 -27.44 13.34 16.96
C MET D 219 -26.83 14.51 16.22
N ASP D 220 -25.65 14.26 15.64
CA ASP D 220 -24.80 15.32 15.07
C ASP D 220 -25.48 15.94 13.87
N LEU D 221 -26.00 15.10 13.00
CA LEU D 221 -26.61 15.51 11.73
C LEU D 221 -27.87 16.36 11.98
N HIS D 222 -28.53 16.11 13.10
CA HIS D 222 -29.76 16.81 13.40
C HIS D 222 -29.55 18.27 13.80
N GLN D 223 -28.61 18.52 14.72
CA GLN D 223 -28.02 19.84 14.91
C GLN D 223 -27.68 20.56 13.63
N THR D 224 -26.87 19.92 12.81
CA THR D 224 -26.52 20.49 11.51
C THR D 224 -27.80 20.96 10.78
N TYR D 225 -28.85 20.16 10.84
CA TYR D 225 -30.07 20.43 10.05
C TYR D 225 -30.78 21.61 10.73
N LEU D 226 -30.66 21.63 12.06
CA LEU D 226 -31.13 22.76 12.88
C LEU D 226 -30.43 24.07 12.55
N LYS D 227 -29.09 24.06 12.47
CA LYS D 227 -28.34 25.30 12.36
C LYS D 227 -28.15 25.81 10.93
N ALA D 228 -28.46 24.96 9.96
CA ALA D 228 -28.23 25.22 8.55
C ALA D 228 -28.66 26.60 8.09
N PRO D 229 -29.82 27.09 8.55
CA PRO D 229 -30.14 28.40 7.99
C PRO D 229 -29.24 29.48 8.61
N GLN D 230 -28.44 29.08 9.59
CA GLN D 230 -27.55 30.05 10.22
C GLN D 230 -26.11 29.82 9.79
N HIS D 231 -25.79 28.66 9.21
CA HIS D 231 -24.40 28.32 8.92
C HIS D 231 -23.83 29.39 8.00
N ALA D 232 -22.55 29.72 8.20
CA ALA D 232 -21.84 30.62 7.30
C ALA D 232 -21.85 30.23 5.81
N GLN D 233 -21.87 28.93 5.51
CA GLN D 233 -21.92 28.45 4.14
C GLN D 233 -23.36 28.14 3.77
N GLN D 234 -23.79 28.54 2.57
CA GLN D 234 -25.20 28.73 2.26
C GLN D 234 -25.51 28.16 0.88
N SER D 235 -24.48 27.60 0.25
CA SER D 235 -24.60 27.30 -1.17
C SER D 235 -25.47 26.07 -1.35
N ILE D 236 -25.37 25.10 -0.44
CA ILE D 236 -26.23 23.93 -0.52
C ILE D 236 -27.73 24.24 -0.31
N ARG D 237 -28.05 24.91 0.79
CA ARG D 237 -29.41 25.42 0.95
C ARG D 237 -29.87 26.18 -0.29
N GLU D 238 -29.09 27.13 -0.80
CA GLU D 238 -29.56 27.83 -1.99
C GLU D 238 -29.94 26.85 -3.08
N LYS D 239 -29.07 25.85 -3.31
CA LYS D 239 -29.24 24.92 -4.42
C LYS D 239 -30.48 24.01 -4.23
N TYR D 240 -30.71 23.60 -2.98
CA TYR D 240 -31.82 22.71 -2.64
C TYR D 240 -33.11 23.46 -2.32
N LYS D 241 -33.18 24.75 -2.70
CA LYS D 241 -34.45 25.48 -2.78
C LYS D 241 -35.14 25.35 -4.14
N ASN D 242 -34.37 24.97 -5.16
CA ASN D 242 -34.88 24.74 -6.51
C ASN D 242 -35.97 23.66 -6.56
N SER D 243 -36.76 23.67 -7.62
CA SER D 243 -37.89 22.74 -7.72
C SER D 243 -37.41 21.37 -8.14
N LYS D 244 -36.28 21.32 -8.86
CA LYS D 244 -35.72 20.01 -9.16
C LYS D 244 -35.37 19.21 -7.90
N TYR D 245 -35.29 19.88 -6.77
CA TYR D 245 -35.07 19.20 -5.50
C TYR D 245 -36.29 19.45 -4.61
N HIS D 246 -37.39 19.83 -5.26
CA HIS D 246 -38.70 19.87 -4.62
C HIS D 246 -38.56 20.81 -3.44
N GLY D 247 -37.59 21.71 -3.52
CA GLY D 247 -37.44 22.76 -2.51
C GLY D 247 -37.35 22.21 -1.09
N VAL D 248 -36.76 21.04 -0.93
CA VAL D 248 -36.69 20.43 0.39
C VAL D 248 -35.93 21.20 1.47
N SER D 249 -35.20 22.24 1.09
CA SER D 249 -34.39 22.96 2.06
C SER D 249 -35.15 24.12 2.70
N LEU D 250 -36.25 24.55 2.08
CA LEU D 250 -37.23 25.45 2.68
C LEU D 250 -38.03 24.78 3.79
N LEU D 251 -37.86 23.47 3.93
CA LEU D 251 -38.66 22.67 4.84
C LEU D 251 -38.25 22.87 6.29
N ASN D 252 -38.84 22.07 7.17
CA ASN D 252 -38.77 22.32 8.61
C ASN D 252 -38.19 21.14 9.38
N PRO D 253 -37.01 21.33 9.95
CA PRO D 253 -36.44 20.22 10.72
C PRO D 253 -37.39 19.80 11.84
N PRO D 254 -37.56 18.50 12.11
CA PRO D 254 -38.25 18.20 13.36
C PRO D 254 -37.35 18.78 14.44
N GLU D 255 -37.94 19.23 15.54
CA GLU D 255 -37.11 19.90 16.54
C GLU D 255 -36.70 18.85 17.56
N THR D 256 -37.20 17.64 17.40
CA THR D 256 -36.67 16.55 18.18
C THR D 256 -36.92 15.23 17.46
N LEU D 257 -36.38 14.15 18.03
CA LEU D 257 -36.02 12.98 17.24
C LEU D 257 -36.60 11.70 17.84
N ASN D 258 -36.74 11.70 19.16
CA ASN D 258 -37.38 10.59 19.84
C ASN D 258 -36.51 9.35 19.95
N LEU D 259 -35.21 9.53 19.74
CA LEU D 259 -34.25 8.51 20.12
C LEU D 259 -34.13 8.53 21.65
C37 C35 E . 28.81 -21.50 -6.74
C36 C35 E . 29.13 -21.49 -5.39
C35 C35 E . 30.04 -20.54 -4.90
CL C35 E . 30.45 -20.55 -3.24
C34 C35 E . 30.65 -19.62 -5.72
C33 C35 E . 30.34 -19.64 -7.08
C32 C35 E . 29.46 -20.58 -7.58
N10 C35 E . 29.15 -20.50 -8.85
N9 C35 E . 27.99 -20.54 -9.27
C30 C35 E . 30.02 -20.22 -9.81
C31 C35 E . 31.55 -20.10 -9.63
N11 C35 E . 29.33 -20.12 -10.93
C29 C35 E . 28.06 -20.33 -10.58
C28 C35 E . 26.81 -20.32 -11.47
O5 C35 E . 25.70 -20.20 -10.93
N8 C35 E . 26.99 -20.40 -12.78
C23 C35 E . 25.82 -20.38 -13.68
C24 C35 E . 26.27 -20.60 -15.12
C25 C35 E . 25.47 -19.75 -16.13
C26 C35 E . 24.84 -20.66 -17.18
N5 C35 E . 25.84 -21.17 -18.15
C27 C35 E . 25.79 -20.78 -19.42
N6 C35 E . 26.69 -21.21 -20.30
N7 C35 E . 24.85 -19.92 -19.83
C22 C35 E . 24.89 -21.51 -13.26
O4 C35 E . 25.30 -22.67 -13.26
N4 C35 E . 23.65 -21.17 -12.91
C17 C35 E . 22.63 -22.15 -12.53
C18 C35 E . 21.65 -21.53 -11.52
C19 C35 E . 22.32 -21.36 -10.15
C20 C35 E . 21.42 -20.62 -9.14
C21 C35 E . 22.82 -22.68 -9.53
C16 C35 E . 21.82 -22.50 -13.78
O3 C35 E . 21.14 -21.62 -14.27
N3 C35 E . 21.93 -23.73 -14.30
C11 C35 E . 21.15 -24.08 -15.51
C12 C35 E . 21.80 -25.05 -16.51
C15 C35 E . 20.74 -25.98 -17.15
C13 C35 E . 22.52 -24.31 -17.66
C14 C35 E . 24.02 -24.18 -17.40
C10 C35 E . 19.89 -24.70 -14.97
O2 C35 E . 20.00 -25.72 -14.30
N2 C35 E . 18.76 -24.04 -15.23
C8 C35 E . 17.45 -24.47 -14.70
C9 C35 E . 16.76 -25.47 -15.61
O1 C35 E . 16.43 -26.57 -15.15
N1 C35 E . 16.47 -25.06 -16.84
C7 C35 E . 16.53 -23.26 -14.50
C6 C35 E . 16.98 -22.44 -13.30
C5 C35 E . 17.47 -21.14 -13.41
C4 C35 E . 17.88 -20.49 -12.26
C1 C35 E . 17.78 -21.09 -11.00
F1 C35 E . 18.20 -20.49 -9.87
C2 C35 E . 17.31 -22.39 -10.90
C3 C35 E . 16.95 -23.07 -12.06
C37 C35 F . -17.85 32.20 -7.92
C36 C35 F . -19.06 31.57 -8.19
C35 C35 F . -19.23 30.92 -9.42
CL C35 F . -20.68 30.10 -9.85
C34 C35 F . -18.21 30.90 -10.36
C33 C35 F . -17.02 31.55 -10.09
C32 C35 F . -16.85 32.22 -8.88
N10 C35 F . -15.65 32.77 -8.69
N9 C35 F . -14.89 32.43 -7.78
C30 C35 F . -15.05 33.64 -9.51
C31 C35 F . -15.64 34.30 -10.78
N11 C35 F . -13.84 33.88 -9.02
C29 C35 F . -13.77 33.12 -7.93
C28 C35 F . -12.57 32.94 -6.98
O5 C35 F . -12.49 31.86 -6.39
N8 C35 F . -11.65 33.90 -6.89
C23 C35 F . -10.54 33.66 -5.94
C24 C35 F . -9.43 34.70 -5.99
C25 C35 F . -8.67 34.68 -4.67
C26 C35 F . -7.58 35.74 -4.78
N5 C35 F . -7.69 36.15 -6.19
C27 C35 F . -6.65 36.09 -7.02
N6 C35 F . -6.83 36.40 -8.31
N7 C35 F . -5.45 35.76 -6.55
C22 C35 F . -11.05 33.67 -4.51
O4 C35 F . -11.68 34.64 -4.08
N4 C35 F . -10.82 32.56 -3.81
C17 C35 F . -11.20 32.38 -2.40
C18 C35 F . -11.25 30.87 -2.16
C19 C35 F . -12.57 30.23 -2.59
C20 C35 F . -12.63 28.77 -2.12
C21 C35 F . -13.78 30.97 -2.00
C16 C35 F . -10.10 33.01 -1.52
O3 C35 F . -8.94 32.68 -1.68
N3 C35 F . -10.45 33.94 -0.62
C11 C35 F . -9.42 34.51 0.27
C12 C35 F . -9.37 36.04 0.26
C15 C35 F . -9.95 36.69 1.52
C13 C35 F . -7.96 36.55 -0.05
C14 C35 F . -6.93 36.09 0.98
C10 C35 F . -9.55 33.81 1.65
O2 C35 F . -10.63 33.74 2.25
N2 C35 F . -8.46 33.19 2.05
C8 C35 F . -8.44 32.36 3.27
C9 C35 F . -7.76 33.11 4.43
O1 C35 F . -8.01 32.77 5.59
N1 C35 F . -6.84 34.02 4.06
C7 C35 F . -7.66 31.05 3.04
C6 C35 F . -8.47 30.06 2.21
C5 C35 F . -8.10 29.73 0.91
C4 C35 F . -8.89 28.84 0.20
C1 C35 F . -10.07 28.32 0.72
F1 C35 F . -10.82 27.43 0.02
C2 C35 F . -10.46 28.68 1.99
C3 C35 F . -9.66 29.56 2.72
#